data_7T2G
#
_entry.id   7T2G
#
_cell.length_a   1.00
_cell.length_b   1.00
_cell.length_c   1.00
_cell.angle_alpha   90.00
_cell.angle_beta   90.00
_cell.angle_gamma   90.00
#
_symmetry.space_group_name_H-M   'P 1'
#
loop_
_entity.id
_entity.type
_entity.pdbx_description
1 polymer 'Guanine nucleotide-binding protein G(i) subunit alpha-1'
2 polymer 'Guanine nucleotide-binding protein G(I)/G(S)/G(T) subunit beta-1'
3 polymer 'Guanine nucleotide-binding protein G(I)/G(S)/G(O) subunit gamma-2'
4 polymer 'Soluble cytochrome b562,Mu-type opioid receptor'
5 non-polymer 'Mitragynine pseudoindoxyl'
6 non-polymer CHOLESTEROL
7 water water
#
loop_
_entity_poly.entity_id
_entity_poly.type
_entity_poly.pdbx_seq_one_letter_code
_entity_poly.pdbx_strand_id
1 'polypeptide(L)'
;MGCTLSAEDKAAVERSKMIDRNLREDGEKAAREVKLLLLGAGESGKSTIVKQMKIIHEAGYSEEECKQYKAVVYSNTIQS
IIAIIRAMGRLKIDFGDSARADDARQLFVLAGAAEEGFMTAELAGVIKRLWKDSGVQACFNRSREYQLNDSAAYYLNDLD
RIAQPNYIPTQQDVLRTRVKTTGIVETHFTFKDLHFKMFDVGGQRSERKKWIHCFEGVTAIIFCVALSDYDLVLAEDEEM
NRMHESMKLFDSICNNKWFTDTSIILFLNKKDLFEEKIKKSPLTICYPEYAGSNTYEEAAAYIQCQFEDLNKRKDTKEIY
THFTCATDTKNVQFVFDAVTDVIIKNNLKDCGLF
;
A
2 'polypeptide(L)'
;PGSSGSELDQLRQEAEQLKNQIRDARKACADATLSQITNNIDPVGRIQMRTRRTLRGHLAKIYAMHWGTDSRLLVSASQD
GKLIIWDSYTTNKVHAIPLRSSWVMTCAYAPSGNYVACGGLDNICSIYNLKTREGNVRVSRELAGHTGYLSCCRFLDDNQ
IVTSSGDTTCALWDIETGQQTTTFTGHTGDVMSLSLAPDTRLFVSGACDASAKLWDVREGMCRQTFTGHESDINAICFFP
NGNAFATGSDDATCRLFDLRADQELMTYSHDNIICGITSVSFSKSGRLLLAGYDDFNCNVWDALKADRAGVLAGHDNRVS
CLGVTDDGMAVATGSWDSFLKIWN
;
B
3 'polypeptide(L)' MASNNTASIAQARKLVEQLKMEANIDRIKVSKAAADLMAYCEAHAKEDPLLTPVPASENPFREKKFFCAIL C
4 'polypeptide(L)'
;CLVFADYKDDDDALEVLFQGPADLEDNWETLNDNLKVIEKADNAAQVKDALTKMRAAALDAQKATPPKLEDKSPDSPEMK
DFRHGFDILVGQIDDALKLANEGKVKEAQAAAEQLKTTRNAYIQKYLAGSPGARSASSLALAIAITALYSIVCVVGLFGN
FLVMYVIVRYTKMKTATNIYIFNLALADALATSTLPFQSVNYLMGTWPFGNILCKIVISIDYYNMFTSIFTLCTMSVDRY
IAVCHPVKALDFRTPRNAKIVNVCNWILSSAIGLPVMFMATTKYRQGSIDCTLTFSHPTWYWENLLKICVFIFAFIMPVL
IITVCYGLMILRLKSVRMLSGSKEKDRNLRRITRMVLVVVAVFIVCWTPIHIYVIIKALITIPETTFQTVSWHFCIALGY
TNSCLNPVLYAFLDENFKRCFREFCIPTSSTILEVLFQGPEQQNSARIRQNTREHPSTANTVDRTNHQLENLEAETAPLP
DIHHHHHH
;
R
#
# COMPACT_ATOMS: atom_id res chain seq x y z
N SER A 6 -19.34 28.00 -15.85
CA SER A 6 -18.08 27.41 -15.31
C SER A 6 -17.45 26.47 -16.34
N ALA A 7 -17.20 26.99 -17.55
CA ALA A 7 -16.56 26.18 -18.58
C ALA A 7 -15.16 25.77 -18.17
N GLU A 8 -14.38 26.71 -17.65
CA GLU A 8 -13.03 26.38 -17.21
C GLU A 8 -13.05 25.38 -16.06
N ASP A 9 -13.96 25.57 -15.11
CA ASP A 9 -14.08 24.62 -14.01
C ASP A 9 -14.53 23.25 -14.52
N LYS A 10 -15.49 23.23 -15.45
CA LYS A 10 -15.98 21.97 -15.99
C LYS A 10 -14.89 21.24 -16.75
N ALA A 11 -14.10 21.97 -17.54
CA ALA A 11 -13.02 21.35 -18.30
C ALA A 11 -11.99 20.71 -17.37
N ALA A 12 -11.73 21.36 -16.23
CA ALA A 12 -10.78 20.80 -15.27
C ALA A 12 -11.27 19.44 -14.75
N VAL A 13 -12.53 19.37 -14.36
CA VAL A 13 -13.08 18.10 -13.87
C VAL A 13 -13.06 17.05 -14.96
N GLU A 14 -13.44 17.44 -16.18
CA GLU A 14 -13.38 16.48 -17.29
C GLU A 14 -11.95 16.03 -17.54
N ARG A 15 -10.99 16.96 -17.50
CA ARG A 15 -9.60 16.57 -17.61
C ARG A 15 -9.20 15.65 -16.48
N SER A 16 -9.64 15.95 -15.26
CA SER A 16 -9.30 15.12 -14.12
C SER A 16 -9.91 13.73 -14.25
N LYS A 17 -11.16 13.65 -14.71
CA LYS A 17 -11.78 12.36 -14.97
C LYS A 17 -11.02 11.60 -16.03
N MET A 18 -10.58 12.29 -17.09
CA MET A 18 -9.92 11.59 -18.19
C MET A 18 -8.63 10.93 -17.72
N ILE A 19 -7.80 11.64 -16.95
CA ILE A 19 -6.57 11.02 -16.48
C ILE A 19 -6.86 10.05 -15.33
N ASP A 20 -7.96 10.24 -14.61
CA ASP A 20 -8.41 9.21 -13.69
C ASP A 20 -8.61 7.88 -14.42
N ARG A 21 -9.20 7.93 -15.62
CA ARG A 21 -9.37 6.72 -16.41
C ARG A 21 -8.03 6.15 -16.82
N ASN A 22 -7.10 7.00 -17.25
CA ASN A 22 -5.78 6.54 -17.63
C ASN A 22 -5.05 5.93 -16.43
N LEU A 23 -5.18 6.56 -15.25
CA LEU A 23 -4.57 6.01 -14.06
C LEU A 23 -5.13 4.63 -13.75
N ARG A 24 -6.45 4.47 -13.87
CA ARG A 24 -7.04 3.16 -13.66
C ARG A 24 -6.58 2.17 -14.72
N GLU A 25 -6.54 2.61 -15.98
CA GLU A 25 -6.11 1.72 -17.06
C GLU A 25 -4.66 1.30 -16.90
N ASP A 26 -3.78 2.24 -16.54
CA ASP A 26 -2.39 1.89 -16.31
C ASP A 26 -2.23 1.00 -15.09
N GLY A 27 -3.02 1.26 -14.05
CA GLY A 27 -2.96 0.41 -12.87
C GLY A 27 -3.36 -1.02 -13.16
N GLU A 28 -4.38 -1.22 -13.99
CA GLU A 28 -4.76 -2.57 -14.38
C GLU A 28 -3.66 -3.25 -15.17
N LYS A 29 -3.04 -2.52 -16.10
CA LYS A 29 -1.93 -3.10 -16.86
C LYS A 29 -0.77 -3.45 -15.92
N ALA A 30 -0.52 -2.61 -14.93
CA ALA A 30 0.53 -2.88 -13.96
C ALA A 30 0.12 -3.92 -12.94
N ALA A 31 -1.16 -3.97 -12.57
CA ALA A 31 -1.61 -4.92 -11.57
C ALA A 31 -1.39 -6.36 -12.04
N ARG A 32 -1.58 -6.62 -13.33
CA ARG A 32 -1.39 -7.96 -13.85
C ARG A 32 0.08 -8.31 -14.06
N GLU A 33 0.97 -7.32 -14.12
CA GLU A 33 2.38 -7.60 -14.27
C GLU A 33 2.94 -8.25 -13.02
N VAL A 34 3.83 -9.21 -13.19
CA VAL A 34 4.54 -9.85 -12.09
C VAL A 34 5.83 -9.08 -11.87
N LYS A 35 6.06 -8.65 -10.65
CA LYS A 35 7.26 -7.90 -10.29
C LYS A 35 8.20 -8.83 -9.52
N LEU A 36 9.42 -8.98 -10.04
CA LEU A 36 10.43 -9.84 -9.45
C LEU A 36 11.66 -9.01 -9.09
N LEU A 37 12.09 -9.13 -7.84
CA LEU A 37 13.29 -8.45 -7.35
C LEU A 37 14.45 -9.45 -7.42
N LEU A 38 15.38 -9.20 -8.32
CA LEU A 38 16.53 -10.08 -8.53
C LEU A 38 17.67 -9.65 -7.61
N LEU A 39 18.03 -10.51 -6.67
CA LEU A 39 19.06 -10.22 -5.69
C LEU A 39 20.14 -11.29 -5.75
N GLY A 40 21.21 -11.05 -5.03
CA GLY A 40 22.34 -11.95 -4.95
C GLY A 40 23.65 -11.19 -4.98
N ALA A 41 24.69 -11.81 -4.43
CA ALA A 41 26.00 -11.21 -4.41
C ALA A 41 26.60 -11.15 -5.82
N GLY A 42 27.63 -10.34 -5.98
CA GLY A 42 28.26 -10.23 -7.28
C GLY A 42 28.81 -11.55 -7.75
N GLU A 43 28.69 -11.80 -9.06
CA GLU A 43 29.18 -13.04 -9.67
C GLU A 43 28.42 -14.26 -9.15
N SER A 44 27.19 -14.05 -8.67
CA SER A 44 26.34 -15.12 -8.19
C SER A 44 25.46 -15.73 -9.28
N GLY A 45 25.54 -15.21 -10.50
CA GLY A 45 24.71 -15.68 -11.59
C GLY A 45 23.50 -14.82 -11.89
N LYS A 46 23.43 -13.59 -11.37
CA LYS A 46 22.32 -12.71 -11.70
C LYS A 46 22.30 -12.43 -13.20
N SER A 47 23.47 -12.20 -13.80
CA SER A 47 23.53 -11.89 -15.21
C SER A 47 23.01 -13.04 -16.06
N THR A 48 23.43 -14.27 -15.76
CA THR A 48 23.01 -15.42 -16.56
C THR A 48 21.53 -15.68 -16.41
N ILE A 49 20.99 -15.54 -15.20
CA ILE A 49 19.56 -15.81 -15.00
C ILE A 49 18.72 -14.91 -15.89
N VAL A 50 19.14 -13.66 -16.06
CA VAL A 50 18.45 -12.78 -17.00
C VAL A 50 18.44 -13.41 -18.38
N LYS A 51 19.60 -13.91 -18.83
CA LYS A 51 19.66 -14.52 -20.16
C LYS A 51 18.78 -15.75 -20.26
N GLN A 52 18.50 -16.39 -19.13
CA GLN A 52 17.57 -17.50 -19.12
C GLN A 52 16.14 -16.93 -19.00
N MET A 53 16.01 -15.70 -18.50
CA MET A 53 14.70 -15.03 -18.29
C MET A 53 13.95 -15.63 -17.11
N THR A 182 22.09 1.52 -15.31
CA THR A 182 22.05 2.67 -14.43
C THR A 182 21.84 2.21 -12.97
N GLY A 183 20.93 2.85 -12.25
CA GLY A 183 20.69 2.46 -10.87
C GLY A 183 19.99 1.12 -10.77
N ILE A 184 18.83 1.01 -11.41
CA ILE A 184 18.04 -0.22 -11.38
C ILE A 184 17.80 -0.65 -12.82
N VAL A 185 18.05 -1.91 -13.11
CA VAL A 185 17.88 -2.47 -14.46
C VAL A 185 16.61 -3.31 -14.46
N GLU A 186 15.72 -3.01 -15.38
CA GLU A 186 14.41 -3.64 -15.48
C GLU A 186 14.41 -4.55 -16.70
N THR A 187 14.08 -5.82 -16.51
CA THR A 187 13.99 -6.79 -17.57
C THR A 187 12.55 -7.25 -17.71
N HIS A 188 12.04 -7.22 -18.92
CA HIS A 188 10.66 -7.58 -19.22
C HIS A 188 10.66 -8.87 -20.04
N PHE A 189 9.89 -9.85 -19.59
CA PHE A 189 9.72 -11.06 -20.37
C PHE A 189 8.32 -11.61 -20.12
N THR A 190 7.80 -12.28 -21.13
CA THR A 190 6.48 -12.89 -21.08
C THR A 190 6.65 -14.40 -21.19
N PHE A 191 6.00 -15.13 -20.29
CA PHE A 191 6.04 -16.59 -20.32
C PHE A 191 4.64 -17.13 -20.10
N LYS A 192 4.16 -17.93 -21.05
CA LYS A 192 2.83 -18.55 -20.96
C LYS A 192 1.76 -17.51 -20.65
N ASP A 193 1.77 -16.43 -21.41
CA ASP A 193 0.80 -15.33 -21.33
C ASP A 193 0.91 -14.54 -20.04
N LEU A 194 1.95 -14.73 -19.25
CA LEU A 194 2.17 -14.00 -18.01
C LEU A 194 3.34 -13.04 -18.19
N HIS A 195 3.13 -11.78 -17.84
CA HIS A 195 4.14 -10.75 -18.05
C HIS A 195 4.97 -10.57 -16.79
N PHE A 196 6.28 -10.65 -16.94
CA PHE A 196 7.22 -10.56 -15.83
C PHE A 196 8.05 -9.30 -15.94
N LYS A 197 8.21 -8.60 -14.83
CA LYS A 197 9.11 -7.45 -14.72
C LYS A 197 10.13 -7.78 -13.65
N MET A 198 11.36 -8.05 -14.07
CA MET A 198 12.45 -8.39 -13.17
C MET A 198 13.33 -7.16 -12.96
N PHE A 199 13.53 -6.79 -11.70
CA PHE A 199 14.29 -5.61 -11.35
C PHE A 199 15.62 -6.04 -10.75
N ASP A 200 16.71 -5.57 -11.35
CA ASP A 200 18.05 -5.84 -10.86
C ASP A 200 18.55 -4.59 -10.15
N VAL A 201 18.95 -4.75 -8.90
CA VAL A 201 19.38 -3.65 -8.06
C VAL A 201 20.87 -3.75 -7.74
N GLY A 202 21.63 -4.47 -8.57
CA GLY A 202 23.06 -4.60 -8.33
C GLY A 202 23.80 -3.29 -8.45
N GLY A 203 23.37 -2.43 -9.37
CA GLY A 203 24.00 -1.14 -9.56
C GLY A 203 23.72 -0.13 -8.47
N GLN A 204 22.88 -0.48 -7.50
CA GLN A 204 22.53 0.42 -6.40
C GLN A 204 23.44 0.13 -5.20
N ARG A 205 24.66 0.66 -5.27
CA ARG A 205 25.69 0.37 -4.28
C ARG A 205 25.54 1.19 -3.01
N SER A 206 24.40 1.83 -2.80
CA SER A 206 24.17 2.64 -1.62
C SER A 206 23.63 1.75 -0.50
N GLU A 207 23.17 2.39 0.57
CA GLU A 207 22.61 1.65 1.68
C GLU A 207 21.32 0.99 1.29
N ARG A 208 21.31 -0.33 1.24
CA ARG A 208 20.11 -1.04 0.80
C ARG A 208 18.92 -0.73 1.70
N LYS A 209 19.18 -0.49 3.00
CA LYS A 209 18.10 -0.28 3.95
C LYS A 209 17.25 0.92 3.63
N LYS A 210 17.74 1.85 2.80
CA LYS A 210 16.98 3.05 2.51
C LYS A 210 16.00 2.85 1.36
N TRP A 211 16.33 1.98 0.41
CA TRP A 211 15.51 1.79 -0.77
C TRP A 211 14.93 0.40 -0.91
N ILE A 212 15.21 -0.51 0.01
CA ILE A 212 14.71 -1.88 -0.12
C ILE A 212 13.20 -1.91 0.03
N HIS A 213 12.65 -1.06 0.90
CA HIS A 213 11.20 -1.01 1.07
C HIS A 213 10.49 -0.58 -0.22
N CYS A 214 11.21 0.00 -1.18
CA CYS A 214 10.60 0.29 -2.48
C CYS A 214 10.05 -0.97 -3.12
N PHE A 215 10.63 -2.13 -2.81
CA PHE A 215 10.23 -3.38 -3.44
C PHE A 215 9.33 -4.22 -2.56
N GLU A 216 8.84 -3.66 -1.45
CA GLU A 216 7.74 -4.30 -0.75
C GLU A 216 6.57 -4.42 -1.71
N GLY A 217 5.87 -5.53 -1.64
CA GLY A 217 4.81 -5.82 -2.59
C GLY A 217 5.27 -6.43 -3.89
N VAL A 218 6.59 -6.63 -4.06
CA VAL A 218 7.06 -7.40 -5.20
C VAL A 218 6.51 -8.82 -5.09
N THR A 219 6.19 -9.40 -6.24
CA THR A 219 5.61 -10.75 -6.23
C THR A 219 6.54 -11.73 -5.53
N ALA A 220 7.81 -11.75 -5.93
CA ALA A 220 8.76 -12.70 -5.37
C ALA A 220 10.16 -12.16 -5.57
N ILE A 221 11.09 -12.68 -4.79
CA ILE A 221 12.49 -12.35 -4.90
C ILE A 221 13.19 -13.53 -5.56
N ILE A 222 13.95 -13.26 -6.61
CA ILE A 222 14.80 -14.26 -7.23
C ILE A 222 16.20 -14.05 -6.67
N PHE A 223 16.64 -14.96 -5.82
CA PHE A 223 17.96 -14.90 -5.21
C PHE A 223 18.88 -15.87 -5.94
N CYS A 224 19.93 -15.35 -6.53
CA CYS A 224 20.92 -16.16 -7.24
C CYS A 224 22.10 -16.41 -6.31
N VAL A 225 22.44 -17.68 -6.14
CA VAL A 225 23.61 -18.09 -5.38
C VAL A 225 24.45 -18.99 -6.28
N ALA A 226 25.74 -18.67 -6.43
CA ALA A 226 26.65 -19.48 -7.21
C ALA A 226 27.16 -20.61 -6.35
N LEU A 227 26.78 -21.84 -6.68
CA LEU A 227 27.21 -22.99 -5.88
C LEU A 227 28.72 -23.09 -5.83
N SER A 228 29.42 -22.63 -6.86
CA SER A 228 30.88 -22.70 -6.91
C SER A 228 31.54 -21.74 -5.94
N ASP A 229 30.79 -20.83 -5.32
CA ASP A 229 31.35 -19.86 -4.39
C ASP A 229 31.76 -20.48 -3.07
N TYR A 230 31.41 -21.74 -2.82
CA TYR A 230 31.70 -22.34 -1.52
C TYR A 230 33.20 -22.45 -1.29
N ASP A 231 33.97 -22.73 -2.34
CA ASP A 231 35.41 -22.90 -2.24
C ASP A 231 36.17 -21.60 -2.41
N LEU A 232 35.48 -20.48 -2.54
CA LEU A 232 36.09 -19.19 -2.82
C LEU A 232 35.95 -18.28 -1.59
N VAL A 233 36.55 -17.09 -1.71
CA VAL A 233 36.49 -16.05 -0.69
C VAL A 233 36.20 -14.72 -1.36
N LEU A 234 35.68 -13.78 -0.58
CA LEU A 234 35.43 -12.45 -1.10
C LEU A 234 36.74 -11.75 -1.43
N ALA A 235 36.78 -11.10 -2.59
CA ALA A 235 38.01 -10.44 -3.01
C ALA A 235 38.39 -9.31 -2.06
N GLU A 236 37.42 -8.50 -1.64
CA GLU A 236 37.72 -7.38 -0.76
C GLU A 236 38.26 -7.88 0.58
N ASP A 237 37.66 -8.92 1.14
CA ASP A 237 38.10 -9.49 2.40
C ASP A 237 38.14 -11.01 2.26
N GLU A 238 39.31 -11.59 2.57
CA GLU A 238 39.48 -13.03 2.49
C GLU A 238 38.97 -13.76 3.73
N GLU A 239 38.59 -13.03 4.77
CA GLU A 239 38.10 -13.68 5.99
C GLU A 239 36.74 -14.33 5.78
N MET A 240 35.89 -13.70 4.96
CA MET A 240 34.53 -14.17 4.77
C MET A 240 34.43 -14.93 3.45
N ASN A 241 33.91 -16.16 3.53
CA ASN A 241 33.64 -16.94 2.32
C ASN A 241 32.48 -16.31 1.57
N ARG A 242 32.64 -16.16 0.25
CA ARG A 242 31.63 -15.47 -0.53
C ARG A 242 30.33 -16.28 -0.59
N MET A 243 30.41 -17.60 -0.47
CA MET A 243 29.21 -18.38 -0.23
C MET A 243 28.58 -18.01 1.10
N HIS A 244 29.39 -17.83 2.14
CA HIS A 244 28.88 -17.34 3.41
C HIS A 244 28.29 -15.94 3.24
N GLU A 245 28.88 -15.14 2.34
CA GLU A 245 28.30 -13.83 2.04
C GLU A 245 26.90 -13.98 1.45
N SER A 246 26.71 -14.97 0.59
CA SER A 246 25.39 -15.22 0.03
C SER A 246 24.38 -15.57 1.12
N MET A 247 24.78 -16.42 2.07
CA MET A 247 23.87 -16.79 3.14
C MET A 247 23.51 -15.59 4.00
N LYS A 248 24.50 -14.76 4.34
CA LYS A 248 24.22 -13.55 5.11
C LYS A 248 23.33 -12.60 4.31
N LEU A 249 23.60 -12.47 3.02
CA LEU A 249 22.72 -11.65 2.18
C LEU A 249 21.34 -12.27 2.11
N PHE A 250 21.27 -13.57 1.83
CA PHE A 250 19.98 -14.26 1.81
C PHE A 250 19.29 -14.16 3.15
N ASP A 251 20.04 -14.30 4.24
CA ASP A 251 19.46 -14.18 5.56
C ASP A 251 18.90 -12.78 5.79
N SER A 252 19.63 -11.75 5.36
CA SER A 252 19.16 -10.37 5.56
C SER A 252 17.87 -10.12 4.79
N ILE A 253 17.85 -10.50 3.51
CA ILE A 253 16.66 -10.28 2.68
C ILE A 253 15.53 -11.19 3.12
N CYS A 254 15.82 -12.48 3.31
CA CYS A 254 14.77 -13.44 3.61
C CYS A 254 14.03 -13.08 4.89
N ASN A 255 14.76 -12.62 5.90
CA ASN A 255 14.18 -12.26 7.18
C ASN A 255 13.94 -10.76 7.30
N ASN A 256 14.05 -10.02 6.20
CA ASN A 256 13.74 -8.60 6.21
C ASN A 256 12.28 -8.37 6.55
N LYS A 257 12.02 -7.31 7.33
CA LYS A 257 10.64 -6.99 7.69
C LYS A 257 9.81 -6.53 6.50
N TRP A 258 10.44 -6.14 5.39
CA TRP A 258 9.71 -5.75 4.20
C TRP A 258 9.32 -6.94 3.32
N PHE A 259 9.98 -8.09 3.47
CA PHE A 259 9.76 -9.22 2.56
C PHE A 259 9.08 -10.37 3.30
N THR A 260 8.65 -10.19 4.56
CA THR A 260 8.06 -11.27 5.40
C THR A 260 7.12 -12.17 4.60
N ASP A 261 6.14 -11.60 3.90
CA ASP A 261 5.15 -12.39 3.13
C ASP A 261 5.58 -12.40 1.68
N THR A 262 6.86 -12.57 1.40
CA THR A 262 7.39 -12.64 0.03
C THR A 262 7.96 -14.04 -0.14
N SER A 263 7.95 -14.58 -1.34
CA SER A 263 8.42 -15.95 -1.60
C SER A 263 9.71 -15.81 -2.39
N ILE A 264 10.71 -16.59 -2.07
CA ILE A 264 12.04 -16.40 -2.71
C ILE A 264 12.30 -17.53 -3.70
N ILE A 265 12.43 -17.21 -4.97
CA ILE A 265 12.85 -18.20 -5.98
C ILE A 265 14.38 -18.24 -5.83
N LEU A 266 14.91 -19.18 -5.06
CA LEU A 266 16.35 -19.34 -4.85
C LEU A 266 16.92 -20.12 -6.02
N PHE A 267 17.79 -19.47 -6.79
CA PHE A 267 18.46 -20.08 -7.93
C PHE A 267 19.89 -20.40 -7.54
N LEU A 268 20.18 -21.67 -7.35
CA LEU A 268 21.54 -22.13 -7.06
C LEU A 268 22.22 -22.34 -8.41
N ASN A 269 23.12 -21.42 -8.75
CA ASN A 269 23.71 -21.38 -10.08
C ASN A 269 24.99 -22.20 -10.14
N LYS A 270 25.49 -22.38 -11.37
CA LYS A 270 26.80 -22.97 -11.60
C LYS A 270 26.92 -24.36 -10.98
N LYS A 271 25.86 -25.14 -11.09
CA LYS A 271 25.88 -26.50 -10.54
C LYS A 271 26.94 -27.34 -11.24
N ASP A 272 27.07 -27.19 -12.56
CA ASP A 272 28.07 -27.94 -13.30
C ASP A 272 29.47 -27.63 -12.81
N LEU A 273 29.79 -26.35 -12.64
CA LEU A 273 31.08 -25.97 -12.09
C LEU A 273 31.22 -26.47 -10.66
N PHE A 274 30.17 -26.35 -9.87
CA PHE A 274 30.21 -26.81 -8.49
C PHE A 274 30.47 -28.31 -8.43
N GLU A 275 29.82 -29.08 -9.30
CA GLU A 275 30.02 -30.52 -9.30
C GLU A 275 31.47 -30.87 -9.65
N GLU A 276 32.06 -30.14 -10.60
CA GLU A 276 33.45 -30.37 -10.98
C GLU A 276 34.43 -29.94 -9.90
N LYS A 277 34.00 -29.21 -8.88
CA LYS A 277 34.89 -28.79 -7.80
C LYS A 277 34.85 -29.73 -6.61
N ILE A 278 33.65 -30.19 -6.21
CA ILE A 278 33.55 -31.02 -5.03
C ILE A 278 34.25 -32.36 -5.21
N LYS A 279 34.46 -32.79 -6.46
CA LYS A 279 35.22 -34.01 -6.68
C LYS A 279 36.66 -33.88 -6.20
N LYS A 280 37.17 -32.64 -6.10
CA LYS A 280 38.53 -32.39 -5.63
C LYS A 280 38.59 -31.29 -4.58
N SER A 281 37.46 -30.91 -3.98
CA SER A 281 37.44 -29.89 -2.94
C SER A 281 36.25 -30.12 -2.02
N PRO A 282 36.47 -30.48 -0.75
CA PRO A 282 35.34 -30.83 0.11
C PRO A 282 34.43 -29.65 0.40
N LEU A 283 33.15 -29.94 0.59
CA LEU A 283 32.21 -28.92 1.01
C LEU A 283 32.47 -28.43 2.42
N THR A 284 33.29 -29.15 3.19
CA THR A 284 33.62 -28.73 4.54
C THR A 284 34.45 -27.45 4.56
N ILE A 285 35.07 -27.08 3.44
CA ILE A 285 35.79 -25.81 3.38
C ILE A 285 34.82 -24.66 3.63
N CYS A 286 33.58 -24.82 3.17
CA CYS A 286 32.54 -23.81 3.37
C CYS A 286 31.70 -24.09 4.61
N TYR A 287 31.42 -25.35 4.90
CA TYR A 287 30.57 -25.73 6.04
C TYR A 287 31.31 -26.69 6.96
N PRO A 288 31.90 -26.20 8.07
CA PRO A 288 32.63 -27.12 8.95
C PRO A 288 31.78 -28.26 9.49
N GLU A 289 30.50 -28.03 9.73
CA GLU A 289 29.63 -29.05 10.33
C GLU A 289 29.16 -30.08 9.31
N TYR A 290 29.47 -29.91 8.03
CA TYR A 290 29.01 -30.86 7.01
C TYR A 290 29.67 -32.21 7.21
N ALA A 291 28.86 -33.27 7.12
CA ALA A 291 29.34 -34.65 7.28
C ALA A 291 28.68 -35.56 6.27
N GLY A 292 28.59 -35.10 5.01
CA GLY A 292 28.02 -35.89 3.94
C GLY A 292 29.06 -36.16 2.86
N SER A 293 28.71 -37.06 1.95
CA SER A 293 29.62 -37.43 0.88
C SER A 293 29.92 -36.22 0.01
N ASN A 294 31.16 -36.17 -0.49
CA ASN A 294 31.57 -35.06 -1.34
C ASN A 294 31.09 -35.25 -2.77
N THR A 295 29.79 -35.53 -2.92
CA THR A 295 29.16 -35.70 -4.21
C THR A 295 28.17 -34.58 -4.44
N TYR A 296 27.79 -34.39 -5.71
CA TYR A 296 26.87 -33.32 -6.06
C TYR A 296 25.53 -33.49 -5.35
N GLU A 297 24.99 -34.71 -5.33
CA GLU A 297 23.66 -34.92 -4.80
C GLU A 297 23.57 -34.48 -3.34
N GLU A 298 24.46 -34.99 -2.49
CA GLU A 298 24.42 -34.63 -1.07
C GLU A 298 24.91 -33.20 -0.85
N ALA A 299 26.04 -32.84 -1.47
CA ALA A 299 26.62 -31.53 -1.23
C ALA A 299 25.68 -30.42 -1.68
N ALA A 300 25.18 -30.51 -2.91
CA ALA A 300 24.25 -29.52 -3.40
C ALA A 300 22.99 -29.48 -2.53
N ALA A 301 22.50 -30.65 -2.14
CA ALA A 301 21.33 -30.72 -1.27
C ALA A 301 21.62 -30.04 0.07
N TYR A 302 22.81 -30.26 0.61
CA TYR A 302 23.17 -29.63 1.88
C TYR A 302 23.19 -28.11 1.74
N ILE A 303 23.75 -27.60 0.64
CA ILE A 303 23.75 -26.16 0.43
C ILE A 303 22.31 -25.66 0.32
N GLN A 304 21.46 -26.41 -0.38
CA GLN A 304 20.06 -26.03 -0.48
C GLN A 304 19.41 -25.94 0.90
N CYS A 305 19.67 -26.93 1.75
CA CYS A 305 19.07 -26.95 3.08
C CYS A 305 19.56 -25.78 3.92
N GLN A 306 20.86 -25.45 3.84
CA GLN A 306 21.38 -24.37 4.66
C GLN A 306 20.72 -23.05 4.30
N PHE A 307 20.53 -22.77 3.02
CA PHE A 307 19.82 -21.56 2.63
C PHE A 307 18.37 -21.60 3.08
N GLU A 308 17.70 -22.73 2.90
CA GLU A 308 16.30 -22.83 3.30
C GLU A 308 16.16 -22.69 4.81
N ASP A 309 17.14 -23.20 5.57
CA ASP A 309 17.11 -23.06 7.02
C ASP A 309 17.26 -21.61 7.47
N LEU A 310 17.80 -20.73 6.61
CA LEU A 310 17.89 -19.32 6.97
C LEU A 310 16.52 -18.69 7.14
N ASN A 311 15.48 -19.31 6.59
CA ASN A 311 14.14 -18.76 6.61
C ASN A 311 13.53 -18.98 7.99
N LYS A 312 13.52 -17.93 8.81
CA LYS A 312 13.00 -18.04 10.16
C LYS A 312 11.50 -18.31 10.15
N ARG A 313 10.73 -17.50 9.42
CA ARG A 313 9.28 -17.65 9.35
C ARG A 313 8.95 -18.53 8.16
N LYS A 314 9.15 -19.84 8.36
CA LYS A 314 8.92 -20.80 7.28
C LYS A 314 7.46 -20.82 6.86
N ASP A 315 6.55 -20.76 7.82
CA ASP A 315 5.14 -20.98 7.51
C ASP A 315 4.59 -19.90 6.59
N THR A 316 5.00 -18.65 6.80
CA THR A 316 4.47 -17.52 6.05
C THR A 316 5.33 -17.16 4.84
N LYS A 317 6.32 -17.99 4.50
CA LYS A 317 7.24 -17.67 3.42
C LYS A 317 7.73 -18.96 2.79
N GLU A 318 7.70 -19.02 1.47
CA GLU A 318 8.11 -20.19 0.73
C GLU A 318 9.40 -19.91 -0.01
N ILE A 319 10.28 -20.89 -0.06
CA ILE A 319 11.53 -20.81 -0.79
C ILE A 319 11.48 -21.87 -1.89
N TYR A 320 11.40 -21.43 -3.13
CA TYR A 320 11.36 -22.32 -4.28
C TYR A 320 12.78 -22.41 -4.83
N THR A 321 13.47 -23.50 -4.51
CA THR A 321 14.87 -23.66 -4.86
C THR A 321 14.97 -24.47 -6.15
N HIS A 322 15.67 -23.92 -7.13
CA HIS A 322 15.93 -24.60 -8.38
C HIS A 322 17.42 -24.55 -8.67
N PHE A 323 17.98 -25.68 -9.09
CA PHE A 323 19.36 -25.76 -9.53
C PHE A 323 19.39 -25.38 -11.01
N THR A 324 19.90 -24.20 -11.30
CA THR A 324 19.80 -23.64 -12.64
C THR A 324 20.43 -24.57 -13.67
N CYS A 325 19.75 -24.72 -14.81
CA CYS A 325 20.18 -25.61 -15.87
C CYS A 325 20.25 -24.84 -17.18
N ALA A 326 21.11 -25.31 -18.06
CA ALA A 326 21.23 -24.67 -19.37
C ALA A 326 20.01 -24.94 -20.24
N THR A 327 19.34 -26.07 -20.03
CA THR A 327 18.18 -26.41 -20.84
C THR A 327 17.13 -25.31 -20.73
N ASP A 328 16.64 -24.85 -21.88
CA ASP A 328 15.71 -23.73 -21.91
C ASP A 328 14.31 -24.18 -21.49
N THR A 329 13.49 -23.19 -21.15
CA THR A 329 12.11 -23.41 -20.74
C THR A 329 12.01 -24.15 -19.41
N LYS A 330 13.08 -24.19 -18.63
CA LYS A 330 13.06 -24.83 -17.33
C LYS A 330 13.38 -23.89 -16.18
N ASN A 331 14.34 -22.98 -16.35
CA ASN A 331 14.55 -21.93 -15.36
C ASN A 331 13.37 -20.97 -15.33
N VAL A 332 12.94 -20.50 -16.50
CA VAL A 332 11.80 -19.60 -16.55
C VAL A 332 10.52 -20.34 -16.19
N GLN A 333 10.43 -21.62 -16.56
CA GLN A 333 9.29 -22.42 -16.17
C GLN A 333 9.21 -22.54 -14.65
N PHE A 334 10.36 -22.70 -14.00
CA PHE A 334 10.37 -22.78 -12.55
C PHE A 334 9.86 -21.47 -11.93
N VAL A 335 10.28 -20.33 -12.47
CA VAL A 335 9.81 -19.05 -11.95
C VAL A 335 8.30 -18.93 -12.14
N PHE A 336 7.83 -19.31 -13.32
CA PHE A 336 6.38 -19.29 -13.59
C PHE A 336 5.64 -20.17 -12.59
N ASP A 337 6.15 -21.39 -12.35
CA ASP A 337 5.49 -22.28 -11.40
C ASP A 337 5.54 -21.70 -10.00
N ALA A 338 6.67 -21.11 -9.61
CA ALA A 338 6.75 -20.51 -8.28
C ALA A 338 5.88 -19.27 -8.18
N VAL A 339 5.84 -18.45 -9.23
CA VAL A 339 5.03 -17.24 -9.21
C VAL A 339 3.55 -17.57 -9.25
N THR A 340 3.17 -18.55 -10.08
CA THR A 340 1.79 -19.00 -10.08
C THR A 340 1.35 -19.39 -8.68
N ASP A 341 2.22 -20.09 -7.94
CA ASP A 341 1.92 -20.42 -6.55
C ASP A 341 1.77 -19.16 -5.71
N VAL A 342 2.64 -18.16 -5.93
CA VAL A 342 2.54 -16.93 -5.18
C VAL A 342 1.28 -16.16 -5.55
N ILE A 343 0.97 -16.10 -6.85
CA ILE A 343 -0.23 -15.37 -7.28
C ILE A 343 -1.48 -16.03 -6.71
N ILE A 344 -1.54 -17.36 -6.73
CA ILE A 344 -2.65 -18.05 -6.09
C ILE A 344 -2.70 -17.71 -4.61
N LYS A 345 -1.54 -17.70 -3.95
CA LYS A 345 -1.50 -17.35 -2.54
C LYS A 345 -1.99 -15.92 -2.32
N ASN A 346 -1.55 -14.98 -3.15
CA ASN A 346 -2.05 -13.61 -3.04
C ASN A 346 -3.54 -13.56 -3.34
N ASN A 347 -3.99 -14.31 -4.35
CA ASN A 347 -5.41 -14.35 -4.67
C ASN A 347 -6.21 -14.82 -3.47
N LEU A 348 -5.70 -15.80 -2.74
CA LEU A 348 -6.38 -16.24 -1.51
C LEU A 348 -6.43 -15.11 -0.49
N LYS A 349 -5.35 -14.35 -0.35
CA LYS A 349 -5.38 -13.19 0.52
C LYS A 349 -6.41 -12.17 0.06
N ASP A 350 -6.42 -11.88 -1.24
CA ASP A 350 -7.41 -10.95 -1.77
C ASP A 350 -8.82 -11.52 -1.65
N CYS A 351 -8.98 -12.82 -1.94
CA CYS A 351 -10.28 -13.46 -1.80
C CYS A 351 -10.72 -13.58 -0.36
N GLY A 352 -9.84 -13.30 0.61
CA GLY A 352 -10.17 -13.40 2.00
C GLY A 352 -10.13 -14.79 2.56
N LEU A 353 -9.75 -15.78 1.77
CA LEU A 353 -9.66 -17.15 2.25
C LEU A 353 -8.43 -17.36 3.14
N PHE A 354 -7.28 -16.81 2.72
CA PHE A 354 -6.04 -16.96 3.46
C PHE A 354 -5.68 -15.65 4.14
N ASP B 9 49.31 9.62 10.31
CA ASP B 9 48.52 9.54 11.58
C ASP B 9 48.29 10.93 12.16
N GLN B 10 49.10 11.90 11.74
CA GLN B 10 48.91 13.27 12.23
C GLN B 10 47.57 13.83 11.77
N LEU B 11 47.17 13.56 10.54
CA LEU B 11 45.93 14.10 10.02
C LEU B 11 44.73 13.58 10.81
N ARG B 12 44.71 12.28 11.11
CA ARG B 12 43.61 11.72 11.89
C ARG B 12 43.58 12.32 13.29
N GLN B 13 44.74 12.49 13.91
CA GLN B 13 44.80 13.13 15.22
C GLN B 13 44.40 14.60 15.13
N GLU B 14 44.86 15.30 14.08
CA GLU B 14 44.50 16.70 13.92
C GLU B 14 43.00 16.87 13.72
N ALA B 15 42.38 15.94 13.00
CA ALA B 15 40.93 15.99 12.83
C ALA B 15 40.21 15.91 14.16
N GLU B 16 40.66 15.00 15.04
CA GLU B 16 40.02 14.86 16.34
C GLU B 16 40.14 16.14 17.17
N GLN B 17 41.31 16.77 17.14
CA GLN B 17 41.50 18.00 17.90
C GLN B 17 40.67 19.15 17.34
N LEU B 18 40.59 19.26 16.02
CA LEU B 18 39.71 20.27 15.42
C LEU B 18 38.26 19.99 15.81
N LYS B 19 37.85 18.73 15.81
CA LYS B 19 36.50 18.38 16.25
C LYS B 19 36.28 18.79 17.69
N ASN B 20 37.26 18.50 18.57
CA ASN B 20 37.14 18.92 19.96
C ASN B 20 37.09 20.43 20.07
N GLN B 21 37.87 21.13 19.24
CA GLN B 21 37.78 22.59 19.21
C GLN B 21 36.37 23.04 18.86
N ILE B 22 35.79 22.43 17.82
CA ILE B 22 34.43 22.78 17.43
C ILE B 22 33.46 22.50 18.57
N ARG B 23 33.64 21.37 19.24
CA ARG B 23 32.82 21.07 20.41
C ARG B 23 33.03 22.11 21.49
N ASP B 24 34.28 22.56 21.68
CA ASP B 24 34.52 23.64 22.63
C ASP B 24 33.85 24.93 22.20
N ALA B 25 33.93 25.26 20.91
CA ALA B 25 33.32 26.50 20.44
C ALA B 25 31.81 26.50 20.62
N ARG B 26 31.16 25.38 20.27
CA ARG B 26 29.71 25.31 20.41
C ARG B 26 29.28 25.36 21.87
N LYS B 27 29.99 24.64 22.74
CA LYS B 27 29.65 24.67 24.16
C LYS B 27 29.79 26.08 24.72
N ALA B 28 30.80 26.83 24.27
CA ALA B 28 30.94 28.20 24.71
C ALA B 28 29.72 29.03 24.33
N CYS B 29 29.20 28.82 23.12
CA CYS B 29 28.01 29.53 22.68
C CYS B 29 26.75 29.02 23.37
N ALA B 30 26.77 27.81 23.95
CA ALA B 30 25.59 27.24 24.58
C ALA B 30 25.37 27.86 25.96
N ASP B 31 25.23 29.19 25.97
CA ASP B 31 25.00 29.91 27.22
C ASP B 31 23.68 29.50 27.84
N ALA B 32 22.63 29.38 27.03
CA ALA B 32 21.33 28.92 27.48
C ALA B 32 20.78 27.97 26.43
N THR B 33 19.59 27.46 26.68
CA THR B 33 18.91 26.54 25.78
C THR B 33 17.65 27.20 25.25
N LEU B 34 17.25 26.80 24.04
CA LEU B 34 16.01 27.31 23.47
C LEU B 34 14.85 27.09 24.42
N SER B 35 14.82 25.93 25.10
CA SER B 35 13.72 25.65 26.02
C SER B 35 13.67 26.65 27.16
N GLN B 36 14.83 27.04 27.68
CA GLN B 36 14.86 27.97 28.81
C GLN B 36 14.23 29.30 28.46
N ILE B 37 14.55 29.85 27.28
CA ILE B 37 14.05 31.17 26.95
C ILE B 37 12.63 31.13 26.40
N THR B 38 12.16 29.96 25.97
CA THR B 38 10.78 29.79 25.51
C THR B 38 9.88 29.28 26.60
N ASN B 39 10.38 29.14 27.83
CA ASN B 39 9.59 28.53 28.89
C ASN B 39 8.36 29.39 29.22
N ASN B 40 8.52 30.71 29.21
CA ASN B 40 7.43 31.61 29.59
C ASN B 40 6.52 31.97 28.42
N ILE B 41 6.92 31.71 27.18
CA ILE B 41 6.05 32.08 26.07
C ILE B 41 4.81 31.20 26.10
N ASP B 42 3.72 31.72 25.59
CA ASP B 42 2.46 30.99 25.64
C ASP B 42 2.57 29.73 24.78
N PRO B 43 2.17 28.57 25.29
CA PRO B 43 2.19 27.36 24.46
C PRO B 43 1.04 27.35 23.46
N VAL B 44 1.32 26.79 22.29
CA VAL B 44 0.25 26.50 21.34
C VAL B 44 -0.51 25.31 21.90
N GLY B 45 -1.69 25.56 22.46
CA GLY B 45 -2.36 24.58 23.28
C GLY B 45 -2.59 23.25 22.60
N ARG B 46 -3.46 23.23 21.59
CA ARG B 46 -3.80 22.00 20.89
C ARG B 46 -4.09 22.36 19.44
N ILE B 47 -3.53 21.59 18.51
CA ILE B 47 -3.67 21.88 17.10
C ILE B 47 -4.50 20.78 16.46
N GLN B 48 -5.81 20.99 16.40
CA GLN B 48 -6.73 20.01 15.82
C GLN B 48 -6.95 20.37 14.36
N MET B 49 -6.16 19.77 13.49
CA MET B 49 -6.28 19.98 12.04
C MET B 49 -7.04 18.81 11.45
N ARG B 50 -7.99 19.11 10.58
CA ARG B 50 -8.87 18.11 9.98
C ARG B 50 -8.48 17.88 8.52
N THR B 51 -8.73 16.67 8.05
CA THR B 51 -8.53 16.34 6.64
C THR B 51 -9.56 17.09 5.80
N ARG B 52 -9.09 18.06 5.02
CA ARG B 52 -9.97 18.84 4.16
C ARG B 52 -10.04 18.30 2.75
N ARG B 53 -8.97 17.68 2.26
CA ARG B 53 -8.99 17.00 0.97
C ARG B 53 -8.30 15.65 1.13
N THR B 54 -8.69 14.72 0.27
CA THR B 54 -8.03 13.43 0.14
C THR B 54 -7.76 13.21 -1.34
N LEU B 55 -6.49 13.18 -1.72
CA LEU B 55 -6.10 13.07 -3.12
C LEU B 55 -6.01 11.59 -3.48
N ARG B 56 -6.96 11.12 -4.27
CA ARG B 56 -7.04 9.73 -4.68
C ARG B 56 -6.68 9.61 -6.15
N GLY B 57 -5.97 8.55 -6.50
CA GLY B 57 -5.54 8.35 -7.86
C GLY B 57 -4.19 7.66 -7.96
N HIS B 58 -3.36 7.81 -6.93
CA HIS B 58 -2.10 7.03 -6.87
C HIS B 58 -2.50 5.62 -6.44
N LEU B 59 -1.97 4.61 -7.10
CA LEU B 59 -2.30 3.21 -6.88
C LEU B 59 -1.22 2.47 -6.11
N ALA B 60 -0.09 3.10 -5.83
CA ALA B 60 1.03 2.48 -5.11
C ALA B 60 1.33 3.36 -3.89
N LYS B 61 2.50 3.20 -3.32
CA LYS B 61 2.89 4.00 -2.14
C LYS B 61 3.38 5.34 -2.67
N ILE B 62 2.98 6.42 -2.03
CA ILE B 62 3.48 7.73 -2.40
C ILE B 62 4.76 7.97 -1.62
N TYR B 63 5.81 8.27 -2.31
CA TYR B 63 7.09 8.54 -1.66
C TYR B 63 7.35 10.00 -1.48
N ALA B 64 6.81 10.82 -2.36
CA ALA B 64 7.12 12.24 -2.32
C ALA B 64 5.99 13.15 -2.76
N MET B 65 5.95 14.35 -2.24
CA MET B 65 4.98 15.34 -2.63
C MET B 65 5.69 16.65 -2.54
N HIS B 66 5.29 17.63 -3.32
CA HIS B 66 5.85 18.96 -3.22
C HIS B 66 4.82 19.97 -3.64
N TRP B 67 4.46 20.85 -2.74
CA TRP B 67 3.56 21.93 -3.07
C TRP B 67 4.18 22.85 -4.06
N GLY B 68 3.37 23.39 -4.96
CA GLY B 68 3.85 24.39 -5.87
C GLY B 68 3.83 25.70 -5.09
N THR B 69 4.50 26.72 -5.58
CA THR B 69 4.58 28.01 -4.88
C THR B 69 3.25 28.75 -4.87
N ASP B 70 2.28 28.33 -5.67
CA ASP B 70 0.95 28.93 -5.65
C ASP B 70 0.08 28.37 -4.54
N SER B 71 0.57 27.43 -3.74
CA SER B 71 -0.15 26.83 -2.63
C SER B 71 -1.44 26.14 -3.07
N ARG B 72 -1.61 25.94 -4.38
CA ARG B 72 -2.78 25.29 -4.94
C ARG B 72 -2.42 24.00 -5.64
N LEU B 73 -1.45 24.05 -6.55
CA LEU B 73 -0.97 22.86 -7.24
C LEU B 73 0.12 22.21 -6.41
N LEU B 74 0.06 20.89 -6.30
CA LEU B 74 1.11 20.10 -5.66
C LEU B 74 1.39 18.89 -6.54
N VAL B 75 2.65 18.49 -6.58
CA VAL B 75 3.08 17.31 -7.32
C VAL B 75 3.33 16.20 -6.32
N SER B 76 2.70 15.07 -6.55
CA SER B 76 2.90 13.85 -5.74
C SER B 76 3.59 12.82 -6.64
N ALA B 77 4.52 12.06 -6.09
CA ALA B 77 5.26 11.03 -6.84
C ALA B 77 4.95 9.68 -6.19
N SER B 78 4.55 8.70 -6.97
CA SER B 78 4.21 7.36 -6.43
C SER B 78 5.00 6.23 -7.11
N GLN B 79 5.11 5.09 -6.45
CA GLN B 79 5.78 3.87 -6.97
C GLN B 79 4.97 3.29 -8.12
N ASP B 80 3.75 3.77 -8.36
CA ASP B 80 2.96 3.38 -9.53
C ASP B 80 3.52 3.96 -10.81
N GLY B 81 4.67 4.63 -10.76
CA GLY B 81 5.27 5.18 -11.95
C GLY B 81 4.57 6.41 -12.47
N LYS B 82 3.82 7.11 -11.63
CA LYS B 82 3.07 8.27 -12.04
C LYS B 82 3.47 9.47 -11.19
N LEU B 83 3.67 10.59 -11.86
CA LEU B 83 3.75 11.89 -11.23
C LEU B 83 2.42 12.59 -11.48
N ILE B 84 1.71 12.91 -10.41
CA ILE B 84 0.39 13.51 -10.50
C ILE B 84 0.49 14.94 -9.99
N ILE B 85 0.11 15.89 -10.85
CA ILE B 85 -0.10 17.27 -10.44
C ILE B 85 -1.56 17.42 -10.04
N TRP B 86 -1.79 17.80 -8.79
CA TRP B 86 -3.13 17.93 -8.24
C TRP B 86 -3.49 19.40 -8.09
N ASP B 87 -4.73 19.72 -8.40
CA ASP B 87 -5.35 20.96 -7.95
C ASP B 87 -5.91 20.67 -6.57
N SER B 88 -5.21 21.13 -5.54
CA SER B 88 -5.60 20.80 -4.17
C SER B 88 -6.96 21.40 -3.80
N TYR B 89 -7.34 22.52 -4.41
CA TYR B 89 -8.61 23.14 -4.03
C TYR B 89 -9.79 22.26 -4.45
N THR B 90 -9.79 21.79 -5.69
CA THR B 90 -10.87 20.98 -6.21
C THR B 90 -10.60 19.48 -6.13
N THR B 91 -9.38 19.08 -5.76
CA THR B 91 -8.91 17.70 -5.79
C THR B 91 -8.72 17.23 -7.21
N ASN B 92 -8.91 18.08 -8.21
CA ASN B 92 -8.74 17.68 -9.59
C ASN B 92 -7.29 17.35 -9.89
N LYS B 93 -7.12 16.52 -10.90
CA LYS B 93 -5.81 16.16 -11.42
C LYS B 93 -5.55 16.99 -12.68
N VAL B 94 -4.43 17.71 -12.69
CA VAL B 94 -4.06 18.50 -13.85
C VAL B 94 -3.16 17.71 -14.78
N HIS B 95 -2.26 16.92 -14.22
CA HIS B 95 -1.34 16.12 -15.00
C HIS B 95 -1.13 14.78 -14.31
N ALA B 96 -1.06 13.73 -15.11
CA ALA B 96 -0.66 12.40 -14.67
C ALA B 96 0.50 11.99 -15.56
N ILE B 97 1.71 12.35 -15.15
CA ILE B 97 2.92 12.12 -15.93
C ILE B 97 3.37 10.68 -15.74
N PRO B 98 3.52 9.91 -16.82
CA PRO B 98 4.06 8.54 -16.71
C PRO B 98 5.57 8.53 -16.58
N LEU B 99 6.05 8.11 -15.42
CA LEU B 99 7.49 8.07 -15.18
C LEU B 99 8.15 6.93 -15.95
N ARG B 100 9.29 7.22 -16.57
CA ARG B 100 10.04 6.18 -17.26
C ARG B 100 10.56 5.12 -16.28
N SER B 101 10.71 5.48 -15.02
CA SER B 101 11.10 4.55 -13.97
C SER B 101 10.08 4.64 -12.84
N SER B 102 9.53 3.50 -12.45
CA SER B 102 8.50 3.49 -11.42
C SER B 102 9.06 3.74 -10.03
N TRP B 103 10.38 3.63 -9.87
CA TRP B 103 11.01 3.71 -8.56
C TRP B 103 11.44 5.15 -8.33
N VAL B 104 10.51 5.93 -7.81
CA VAL B 104 10.72 7.35 -7.54
C VAL B 104 10.70 7.54 -6.04
N MET B 105 11.61 8.37 -5.56
CA MET B 105 11.70 8.68 -4.15
C MET B 105 11.53 10.16 -3.86
N THR B 106 11.59 11.01 -4.88
CA THR B 106 11.55 12.45 -4.68
C THR B 106 10.85 13.08 -5.87
N CYS B 107 10.10 14.13 -5.60
CA CYS B 107 9.58 15.00 -6.64
C CYS B 107 9.74 16.44 -6.19
N ALA B 108 9.96 17.32 -7.15
CA ALA B 108 10.10 18.75 -6.90
C ALA B 108 9.20 19.50 -7.86
N TYR B 109 8.50 20.48 -7.35
CA TYR B 109 7.72 21.36 -8.18
C TYR B 109 8.57 22.63 -8.30
N ALA B 110 8.89 23.04 -9.51
CA ALA B 110 9.66 24.25 -9.73
C ALA B 110 8.88 25.46 -9.22
N PRO B 111 9.54 26.42 -8.57
CA PRO B 111 8.80 27.59 -8.06
C PRO B 111 8.08 28.36 -9.16
N SER B 112 8.60 28.34 -10.38
CA SER B 112 7.87 28.94 -11.49
C SER B 112 6.58 28.21 -11.79
N GLY B 113 6.47 26.94 -11.39
CA GLY B 113 5.34 26.12 -11.76
C GLY B 113 5.43 25.51 -13.14
N ASN B 114 6.48 25.82 -13.90
CA ASN B 114 6.61 25.34 -15.26
C ASN B 114 7.27 23.97 -15.36
N TYR B 115 7.88 23.49 -14.28
CA TYR B 115 8.62 22.24 -14.30
C TYR B 115 8.38 21.48 -13.02
N VAL B 116 8.45 20.16 -13.13
CA VAL B 116 8.53 19.28 -11.97
C VAL B 116 9.74 18.37 -12.19
N ALA B 117 10.36 17.97 -11.10
CA ALA B 117 11.50 17.07 -11.13
C ALA B 117 11.12 15.77 -10.44
N CYS B 118 11.55 14.66 -11.01
CA CYS B 118 11.24 13.34 -10.50
C CYS B 118 12.51 12.49 -10.51
N GLY B 119 12.70 11.69 -9.47
CA GLY B 119 13.85 10.82 -9.44
C GLY B 119 13.78 9.80 -8.33
N GLY B 120 14.62 8.79 -8.46
CA GLY B 120 14.69 7.71 -7.49
C GLY B 120 15.79 6.73 -7.81
N LEU B 121 15.46 5.44 -7.80
CA LEU B 121 16.44 4.38 -8.00
C LEU B 121 17.00 4.34 -9.42
N ASP B 122 16.43 5.08 -10.35
CA ASP B 122 17.06 5.19 -11.66
C ASP B 122 18.33 6.05 -11.62
N ASN B 123 18.62 6.70 -10.49
CA ASN B 123 19.78 7.58 -10.34
C ASN B 123 19.70 8.81 -11.22
N ILE B 124 18.51 9.14 -11.69
CA ILE B 124 18.31 10.22 -12.64
C ILE B 124 17.28 11.17 -12.07
N CYS B 125 17.54 12.46 -12.18
CA CYS B 125 16.52 13.48 -11.92
C CYS B 125 15.90 13.84 -13.26
N SER B 126 14.67 13.37 -13.48
CA SER B 126 13.93 13.69 -14.68
C SER B 126 13.23 15.02 -14.51
N ILE B 127 13.42 15.91 -15.49
CA ILE B 127 12.79 17.22 -15.50
C ILE B 127 11.67 17.16 -16.54
N TYR B 128 10.46 17.52 -16.12
CA TYR B 128 9.30 17.50 -16.99
C TYR B 128 8.80 18.93 -17.18
N ASN B 129 8.56 19.30 -18.43
CA ASN B 129 8.00 20.61 -18.77
C ASN B 129 6.48 20.53 -18.70
N LEU B 130 5.90 21.20 -17.71
CA LEU B 130 4.46 21.21 -17.57
C LEU B 130 3.80 22.08 -18.63
N LYS B 131 4.37 23.26 -18.90
CA LYS B 131 3.73 24.25 -19.75
C LYS B 131 4.32 24.20 -21.16
N THR B 132 4.05 23.09 -21.82
CA THR B 132 4.44 22.92 -23.22
C THR B 132 3.36 23.53 -24.12
N ARG B 133 3.78 23.93 -25.32
CA ARG B 133 2.84 24.51 -26.27
C ARG B 133 1.75 23.51 -26.63
N GLU B 134 2.11 22.25 -26.85
CA GLU B 134 1.13 21.24 -27.23
C GLU B 134 0.17 20.89 -26.11
N GLY B 135 0.42 21.34 -24.89
CA GLY B 135 -0.41 21.00 -23.76
C GLY B 135 -0.14 19.64 -23.16
N ASN B 136 0.89 18.92 -23.64
CA ASN B 136 1.23 17.61 -23.14
C ASN B 136 2.55 17.69 -22.37
N VAL B 137 2.56 17.15 -21.15
CA VAL B 137 3.77 17.15 -20.35
C VAL B 137 4.82 16.28 -21.04
N ARG B 138 6.04 16.80 -21.15
CA ARG B 138 7.12 16.12 -21.82
C ARG B 138 8.38 16.20 -20.97
N VAL B 139 9.25 15.21 -21.14
CA VAL B 139 10.55 15.25 -20.49
C VAL B 139 11.39 16.32 -21.17
N SER B 140 11.85 17.29 -20.38
CA SER B 140 12.72 18.33 -20.92
C SER B 140 14.18 17.93 -20.83
N ARG B 141 14.56 17.34 -19.70
CA ARG B 141 15.94 16.95 -19.47
C ARG B 141 16.07 15.85 -18.46
N GLU B 142 17.00 14.93 -18.70
CA GLU B 142 17.28 13.86 -17.74
C GLU B 142 18.67 14.10 -17.18
N LEU B 143 18.74 14.49 -15.91
CA LEU B 143 20.01 14.77 -15.26
C LEU B 143 20.66 13.47 -14.83
N ALA B 144 21.75 13.10 -15.49
CA ALA B 144 22.47 11.87 -15.22
C ALA B 144 23.85 12.21 -14.68
N GLY B 145 24.32 11.39 -13.74
CA GLY B 145 25.62 11.61 -13.14
C GLY B 145 25.72 11.18 -11.69
N HIS B 146 24.59 11.08 -11.00
CA HIS B 146 24.57 10.45 -9.71
C HIS B 146 24.72 8.94 -9.88
N THR B 147 25.38 8.31 -8.91
CA THR B 147 25.67 6.88 -8.99
C THR B 147 24.91 6.07 -7.97
N GLY B 148 24.15 6.72 -7.09
CA GLY B 148 23.39 6.03 -6.06
C GLY B 148 21.92 5.98 -6.37
N TYR B 149 21.14 6.86 -5.76
CA TYR B 149 19.73 6.98 -6.03
C TYR B 149 19.29 8.39 -5.69
N LEU B 150 18.47 8.98 -6.55
CA LEU B 150 17.93 10.30 -6.27
C LEU B 150 17.04 10.25 -5.05
N SER B 151 17.51 10.84 -3.95
CA SER B 151 16.76 10.86 -2.71
C SER B 151 15.94 12.13 -2.55
N CYS B 152 16.40 13.24 -3.08
CA CYS B 152 15.69 14.51 -2.95
C CYS B 152 16.20 15.46 -4.02
N CYS B 153 15.28 16.24 -4.57
CA CYS B 153 15.60 17.26 -5.55
C CYS B 153 14.80 18.51 -5.22
N ARG B 154 15.37 19.66 -5.52
CA ARG B 154 14.68 20.94 -5.36
C ARG B 154 15.16 21.89 -6.44
N PHE B 155 14.22 22.61 -7.05
CA PHE B 155 14.59 23.65 -8.01
C PHE B 155 15.07 24.88 -7.27
N LEU B 156 16.16 25.47 -7.75
CA LEU B 156 16.45 26.85 -7.38
C LEU B 156 15.70 27.80 -8.30
N ASP B 157 15.68 27.49 -9.60
CA ASP B 157 14.93 28.24 -10.59
C ASP B 157 14.67 27.29 -11.76
N ASP B 158 14.24 27.84 -12.89
CA ASP B 158 13.88 26.99 -14.02
C ASP B 158 15.07 26.21 -14.55
N ASN B 159 16.28 26.72 -14.39
CA ASN B 159 17.46 26.10 -14.97
C ASN B 159 18.37 25.42 -13.95
N GLN B 160 18.15 25.63 -12.66
CA GLN B 160 18.99 25.06 -11.62
C GLN B 160 18.17 24.14 -10.73
N ILE B 161 18.67 22.93 -10.51
CA ILE B 161 18.08 22.01 -9.56
C ILE B 161 19.20 21.36 -8.74
N VAL B 162 18.99 21.27 -7.44
CA VAL B 162 19.93 20.64 -6.52
C VAL B 162 19.39 19.27 -6.14
N THR B 163 20.23 18.25 -6.24
CA THR B 163 19.85 16.87 -5.98
C THR B 163 20.67 16.30 -4.84
N SER B 164 20.08 15.35 -4.13
CA SER B 164 20.76 14.57 -3.10
C SER B 164 20.65 13.10 -3.47
N SER B 165 21.76 12.37 -3.39
CA SER B 165 21.81 11.01 -3.88
C SER B 165 22.25 10.06 -2.78
N GLY B 166 21.88 8.78 -2.97
CA GLY B 166 22.39 7.72 -2.14
C GLY B 166 23.88 7.52 -2.23
N ASP B 167 24.51 8.06 -3.29
CA ASP B 167 25.95 8.00 -3.45
C ASP B 167 26.69 8.96 -2.53
N THR B 168 26.00 9.55 -1.54
CA THR B 168 26.57 10.37 -0.49
C THR B 168 26.88 11.79 -0.94
N THR B 169 26.57 12.14 -2.19
CA THR B 169 26.86 13.46 -2.71
C THR B 169 25.57 14.15 -3.13
N CYS B 170 25.50 15.45 -2.88
CA CYS B 170 24.51 16.30 -3.52
C CYS B 170 25.15 16.99 -4.72
N ALA B 171 24.31 17.44 -5.64
CA ALA B 171 24.80 18.07 -6.85
C ALA B 171 23.87 19.20 -7.26
N LEU B 172 24.46 20.25 -7.80
CA LEU B 172 23.73 21.34 -8.44
C LEU B 172 23.82 21.14 -9.94
N TRP B 173 22.70 21.28 -10.63
CA TRP B 173 22.61 20.97 -12.05
C TRP B 173 22.22 22.19 -12.85
N ASP B 174 22.78 22.29 -14.05
CA ASP B 174 22.32 23.22 -15.07
C ASP B 174 21.39 22.45 -15.99
N ILE B 175 20.09 22.70 -15.88
CA ILE B 175 19.11 21.88 -16.58
C ILE B 175 19.30 21.99 -18.09
N GLU B 176 19.57 23.20 -18.59
CA GLU B 176 19.71 23.36 -20.04
C GLU B 176 20.84 22.48 -20.58
N THR B 177 21.97 22.46 -19.89
CA THR B 177 23.09 21.63 -20.32
C THR B 177 23.05 20.23 -19.74
N GLY B 178 22.23 19.99 -18.72
CA GLY B 178 22.13 18.68 -18.13
C GLY B 178 23.39 18.21 -17.43
N GLN B 179 24.27 19.14 -17.03
CA GLN B 179 25.53 18.80 -16.41
C GLN B 179 25.54 19.28 -14.96
N GLN B 180 26.32 18.61 -14.13
CA GLN B 180 26.54 19.02 -12.75
C GLN B 180 27.50 20.20 -12.74
N THR B 181 26.99 21.39 -12.39
CA THR B 181 27.88 22.54 -12.24
C THR B 181 28.65 22.48 -10.93
N THR B 182 28.03 21.97 -9.86
CA THR B 182 28.66 21.86 -8.57
C THR B 182 28.33 20.49 -7.97
N THR B 183 29.32 19.88 -7.36
CA THR B 183 29.16 18.63 -6.63
C THR B 183 29.46 18.88 -5.17
N PHE B 184 28.62 18.35 -4.30
CA PHE B 184 28.70 18.60 -2.86
C PHE B 184 29.10 17.30 -2.17
N THR B 185 30.37 17.19 -1.83
CA THR B 185 30.91 16.00 -1.19
C THR B 185 31.28 16.32 0.25
N GLY B 186 31.31 15.28 1.07
CA GLY B 186 31.63 15.43 2.47
C GLY B 186 30.81 14.51 3.35
N HIS B 187 29.60 14.19 2.91
CA HIS B 187 28.79 13.22 3.63
C HIS B 187 29.39 11.82 3.52
N THR B 188 29.34 11.07 4.61
CA THR B 188 29.86 9.71 4.62
C THR B 188 28.82 8.71 4.11
N GLY B 189 27.56 8.90 4.46
CA GLY B 189 26.50 8.01 4.07
C GLY B 189 25.61 8.60 2.99
N ASP B 190 24.57 7.83 2.66
CA ASP B 190 23.57 8.27 1.69
C ASP B 190 22.93 9.57 2.15
N VAL B 191 22.79 10.52 1.22
CA VAL B 191 22.07 11.75 1.50
C VAL B 191 20.59 11.52 1.23
N MET B 192 19.77 11.74 2.25
CA MET B 192 18.37 11.35 2.19
C MET B 192 17.44 12.51 1.95
N SER B 193 17.86 13.73 2.22
CA SER B 193 16.96 14.87 2.25
C SER B 193 17.73 16.12 1.89
N LEU B 194 16.97 17.14 1.52
CA LEU B 194 17.51 18.39 1.00
C LEU B 194 16.50 19.48 1.28
N SER B 195 16.96 20.60 1.83
CA SER B 195 16.13 21.77 2.05
C SER B 195 16.90 22.99 1.58
N LEU B 196 16.35 23.69 0.60
CA LEU B 196 16.92 24.95 0.16
C LEU B 196 16.58 26.06 1.14
N ALA B 197 17.55 26.91 1.42
CA ALA B 197 17.27 28.10 2.19
C ALA B 197 16.30 28.98 1.41
N PRO B 198 15.51 29.79 2.11
CA PRO B 198 14.56 30.66 1.38
C PRO B 198 15.22 31.53 0.32
N ASP B 199 16.44 32.00 0.56
CA ASP B 199 17.16 32.78 -0.43
C ASP B 199 17.84 31.93 -1.49
N THR B 200 17.85 30.61 -1.33
CA THR B 200 18.42 29.69 -2.31
C THR B 200 19.94 29.84 -2.45
N ARG B 201 20.59 30.48 -1.48
CA ARG B 201 22.05 30.54 -1.49
C ARG B 201 22.68 29.41 -0.68
N LEU B 202 21.93 28.83 0.24
CA LEU B 202 22.39 27.71 1.03
C LEU B 202 21.33 26.62 1.01
N PHE B 203 21.77 25.37 1.05
CA PHE B 203 20.87 24.26 1.28
C PHE B 203 21.50 23.33 2.31
N VAL B 204 20.67 22.74 3.16
CA VAL B 204 21.11 21.79 4.17
C VAL B 204 20.68 20.41 3.73
N SER B 205 21.62 19.46 3.78
CA SER B 205 21.38 18.09 3.39
C SER B 205 21.52 17.18 4.61
N GLY B 206 20.54 16.29 4.79
CA GLY B 206 20.59 15.30 5.84
C GLY B 206 20.90 13.93 5.26
N ALA B 207 21.92 13.28 5.81
CA ALA B 207 22.45 12.05 5.24
C ALA B 207 22.34 10.90 6.24
N CYS B 208 22.65 9.70 5.75
CA CYS B 208 22.60 8.50 6.56
C CYS B 208 23.72 8.43 7.59
N ASP B 209 24.77 9.25 7.45
CA ASP B 209 25.81 9.35 8.46
C ASP B 209 25.34 10.06 9.72
N ALA B 210 24.05 10.36 9.79
CA ALA B 210 23.43 10.98 10.96
C ALA B 210 23.86 12.43 11.15
N SER B 211 24.22 13.10 10.05
CA SER B 211 24.66 14.49 10.13
C SER B 211 23.96 15.31 9.06
N ALA B 212 23.80 16.59 9.34
CA ALA B 212 23.28 17.56 8.40
C ALA B 212 24.39 18.52 8.03
N LYS B 213 24.55 18.75 6.74
CA LYS B 213 25.60 19.63 6.23
C LYS B 213 24.99 20.83 5.54
N LEU B 214 25.40 22.02 5.95
CA LEU B 214 25.01 23.26 5.31
C LEU B 214 25.98 23.54 4.17
N TRP B 215 25.45 23.74 2.98
CA TRP B 215 26.24 23.91 1.78
C TRP B 215 26.06 25.30 1.21
N ASP B 216 27.13 25.85 0.66
CA ASP B 216 27.07 27.08 -0.10
C ASP B 216 26.86 26.73 -1.57
N VAL B 217 25.73 27.16 -2.11
CA VAL B 217 25.38 26.79 -3.48
C VAL B 217 26.41 27.35 -4.46
N ARG B 218 26.70 28.64 -4.34
CA ARG B 218 27.60 29.29 -5.30
C ARG B 218 29.04 28.85 -5.10
N GLU B 219 29.49 28.77 -3.85
CA GLU B 219 30.88 28.37 -3.57
C GLU B 219 31.06 26.87 -3.65
N GLY B 220 29.99 26.10 -3.46
CA GLY B 220 30.05 24.65 -3.56
C GLY B 220 30.84 23.98 -2.46
N MET B 221 30.70 24.44 -1.22
CA MET B 221 31.45 23.87 -0.10
C MET B 221 30.55 23.78 1.13
N CYS B 222 30.92 22.88 2.03
CA CYS B 222 30.18 22.67 3.28
C CYS B 222 30.61 23.73 4.28
N ARG B 223 29.70 24.65 4.60
CA ARG B 223 30.03 25.68 5.59
C ARG B 223 30.01 25.10 6.99
N GLN B 224 29.04 24.24 7.28
CA GLN B 224 28.87 23.72 8.63
C GLN B 224 28.40 22.27 8.55
N THR B 225 28.70 21.53 9.60
CA THR B 225 28.22 20.17 9.77
C THR B 225 27.53 20.08 11.13
N PHE B 226 26.36 19.50 11.14
CA PHE B 226 25.56 19.40 12.37
C PHE B 226 25.46 17.92 12.68
N THR B 227 25.53 17.55 13.95
CA THR B 227 25.49 16.14 14.40
C THR B 227 24.67 16.13 15.67
N GLY B 228 24.15 14.97 16.08
CA GLY B 228 23.31 14.86 17.27
C GLY B 228 22.29 13.76 17.12
N HIS B 229 22.04 13.33 15.89
CA HIS B 229 21.10 12.24 15.60
C HIS B 229 21.84 10.92 15.80
N GLU B 230 21.20 9.95 16.45
CA GLU B 230 21.81 8.66 16.68
C GLU B 230 21.77 7.77 15.45
N SER B 231 20.91 8.11 14.48
CA SER B 231 20.68 7.30 13.27
C SER B 231 20.62 8.18 12.02
N ASP B 232 20.21 7.61 10.88
CA ASP B 232 20.12 8.34 9.60
C ASP B 232 19.09 9.46 9.67
N ILE B 233 19.30 10.54 8.92
CA ILE B 233 18.34 11.67 8.82
C ILE B 233 17.61 11.49 7.50
N ASN B 234 16.30 11.34 7.53
CA ASN B 234 15.54 11.12 6.32
C ASN B 234 14.86 12.38 5.87
N ALA B 235 14.73 13.34 6.77
CA ALA B 235 14.00 14.59 6.49
C ALA B 235 14.72 15.81 7.04
N ILE B 236 14.88 16.82 6.23
CA ILE B 236 15.50 18.07 6.65
C ILE B 236 14.72 19.22 6.05
N CYS B 237 14.34 20.19 6.88
CA CYS B 237 13.60 21.36 6.44
C CYS B 237 14.21 22.62 7.05
N PHE B 238 14.41 23.63 6.21
CA PHE B 238 14.84 24.93 6.71
C PHE B 238 13.73 25.59 7.52
N PHE B 239 14.12 26.25 8.60
CA PHE B 239 13.24 27.16 9.30
C PHE B 239 12.93 28.35 8.40
N PRO B 240 11.73 28.93 8.49
CA PRO B 240 11.32 29.93 7.48
C PRO B 240 12.29 31.10 7.32
N ASN B 241 13.00 31.51 8.37
CA ASN B 241 13.93 32.61 8.24
C ASN B 241 15.30 32.18 7.72
N GLY B 242 15.55 30.89 7.55
CA GLY B 242 16.81 30.41 7.03
C GLY B 242 17.93 30.36 8.04
N ASN B 243 17.67 30.73 9.29
CA ASN B 243 18.69 30.73 10.34
C ASN B 243 18.67 29.47 11.18
N ALA B 244 17.80 28.52 10.85
CA ALA B 244 17.77 27.24 11.52
C ALA B 244 17.17 26.23 10.56
N PHE B 245 17.35 24.96 10.90
CA PHE B 245 16.69 23.89 10.16
C PHE B 245 16.34 22.80 11.15
N ALA B 246 15.38 21.98 10.76
CA ALA B 246 14.96 20.83 11.55
C ALA B 246 15.23 19.56 10.76
N THR B 247 15.63 18.55 11.49
CA THR B 247 15.99 17.26 10.86
C THR B 247 15.09 16.20 11.47
N GLY B 248 14.72 15.21 10.69
CA GLY B 248 13.93 14.06 11.18
C GLY B 248 14.77 12.83 10.93
N SER B 249 14.88 11.97 11.93
CA SER B 249 15.74 10.80 11.79
C SER B 249 15.08 9.47 12.09
N ASP B 250 15.72 8.37 11.70
CA ASP B 250 15.24 7.01 12.00
C ASP B 250 15.33 6.80 13.51
N ASP B 251 16.09 7.63 14.22
CA ASP B 251 16.25 7.57 15.70
C ASP B 251 15.00 8.12 16.39
N ALA B 252 13.91 8.37 15.66
CA ALA B 252 12.60 8.77 16.25
C ALA B 252 12.68 10.15 16.88
N THR B 253 13.58 10.97 16.39
CA THR B 253 13.76 12.32 16.94
C THR B 253 13.78 13.32 15.81
N CYS B 254 13.26 14.47 16.11
CA CYS B 254 13.49 15.60 15.23
C CYS B 254 14.43 16.48 16.06
N ARG B 255 15.30 17.17 15.40
CA ARG B 255 16.16 18.15 16.11
C ARG B 255 16.15 19.49 15.38
N LEU B 256 16.00 20.56 16.12
CA LEU B 256 16.19 21.93 15.58
C LEU B 256 17.68 22.30 15.65
N PHE B 257 18.29 22.70 14.60
CA PHE B 257 19.71 23.16 14.55
C PHE B 257 19.79 24.63 14.13
N ASP B 258 20.36 25.52 14.94
CA ASP B 258 20.60 26.93 14.56
C ASP B 258 21.89 27.03 13.74
N LEU B 259 21.85 27.70 12.57
CA LEU B 259 23.04 27.86 11.74
C LEU B 259 24.07 28.76 12.40
N ARG B 260 23.62 29.89 12.95
CA ARG B 260 24.56 30.87 13.48
C ARG B 260 25.15 30.42 14.81
N ALA B 261 24.37 29.71 15.63
CA ALA B 261 24.91 29.08 16.80
C ALA B 261 25.59 27.75 16.49
N ASP B 262 25.38 27.22 15.27
CA ASP B 262 26.11 26.06 14.77
C ASP B 262 25.94 24.85 15.68
N GLN B 263 24.76 24.70 16.27
CA GLN B 263 24.51 23.60 17.21
C GLN B 263 23.01 23.26 17.22
N GLU B 264 22.65 22.14 17.85
CA GLU B 264 21.26 21.72 17.98
C GLU B 264 20.61 22.55 19.09
N LEU B 265 19.45 23.14 18.82
CA LEU B 265 18.73 24.00 19.80
C LEU B 265 17.70 23.17 20.56
N MET B 266 17.09 22.19 19.91
CA MET B 266 15.96 21.45 20.53
C MET B 266 15.85 20.04 19.96
N THR B 267 15.51 19.08 20.80
CA THR B 267 15.21 17.70 20.35
C THR B 267 13.70 17.49 20.57
N TYR B 268 12.97 17.20 19.51
CA TYR B 268 11.54 16.93 19.57
C TYR B 268 11.36 15.42 19.58
N SER B 269 11.01 14.87 20.74
CA SER B 269 10.87 13.43 20.87
C SER B 269 9.87 13.14 21.98
N HIS B 270 9.34 11.92 21.94
CA HIS B 270 8.44 11.44 22.97
C HIS B 270 8.75 9.96 23.21
N ASP B 271 8.50 9.51 24.44
CA ASP B 271 8.71 8.10 24.75
C ASP B 271 7.83 7.21 23.87
N ASN B 272 6.57 7.60 23.68
CA ASN B 272 5.66 6.80 22.87
C ASN B 272 6.04 6.78 21.40
N ILE B 273 6.94 7.65 20.97
CA ILE B 273 7.42 7.69 19.60
C ILE B 273 8.74 6.94 19.56
N ILE B 274 8.80 5.87 18.76
CA ILE B 274 10.00 5.06 18.64
C ILE B 274 10.30 4.79 17.18
N CYS B 275 9.39 5.16 16.29
CA CYS B 275 9.61 4.98 14.86
C CYS B 275 10.36 6.17 14.28
N GLY B 276 10.88 5.99 13.08
CA GLY B 276 11.63 7.05 12.39
C GLY B 276 10.76 8.15 11.81
N ILE B 277 11.32 9.33 11.66
CA ILE B 277 10.61 10.46 11.03
C ILE B 277 10.94 10.36 9.54
N THR B 278 9.92 10.35 8.69
CA THR B 278 10.09 10.31 7.24
C THR B 278 10.18 11.70 6.64
N SER B 279 9.59 12.71 7.28
CA SER B 279 9.40 14.01 6.67
C SER B 279 9.28 15.06 7.77
N VAL B 280 9.71 16.27 7.44
CA VAL B 280 9.62 17.41 8.33
C VAL B 280 9.29 18.64 7.51
N SER B 281 8.45 19.50 8.07
CA SER B 281 8.21 20.81 7.50
C SER B 281 7.81 21.74 8.62
N PHE B 282 7.98 23.03 8.37
CA PHE B 282 7.58 24.06 9.31
C PHE B 282 6.28 24.71 8.85
N SER B 283 5.52 25.20 9.82
CA SER B 283 4.44 26.11 9.52
C SER B 283 5.02 27.42 8.96
N LYS B 284 4.14 28.32 8.53
CA LYS B 284 4.62 29.54 7.90
C LYS B 284 5.48 30.35 8.87
N SER B 285 5.05 30.47 10.12
CA SER B 285 5.81 31.21 11.12
C SER B 285 6.93 30.38 11.72
N GLY B 286 7.01 29.09 11.41
CA GLY B 286 7.98 28.22 12.03
C GLY B 286 7.63 27.80 13.44
N ARG B 287 6.51 28.28 13.99
CA ARG B 287 6.16 27.90 15.35
C ARG B 287 5.82 26.42 15.45
N LEU B 288 5.27 25.85 14.38
CA LEU B 288 4.93 24.43 14.35
C LEU B 288 5.92 23.69 13.46
N LEU B 289 6.36 22.54 13.94
CA LEU B 289 7.19 21.63 13.17
C LEU B 289 6.39 20.36 12.93
N LEU B 290 5.98 20.15 11.69
CA LEU B 290 5.21 18.97 11.30
C LEU B 290 6.17 17.85 10.92
N ALA B 291 6.00 16.69 11.55
CA ALA B 291 6.88 15.56 11.29
C ALA B 291 6.05 14.36 10.86
N GLY B 292 6.41 13.77 9.73
CA GLY B 292 5.83 12.51 9.32
C GLY B 292 6.60 11.33 9.89
N TYR B 293 5.87 10.32 10.31
CA TYR B 293 6.44 9.19 11.04
C TYR B 293 6.13 7.88 10.33
N ASP B 294 6.88 6.85 10.70
CA ASP B 294 6.59 5.51 10.23
C ASP B 294 5.36 4.92 10.92
N ASP B 295 4.97 5.44 12.07
CA ASP B 295 3.81 4.92 12.80
C ASP B 295 2.48 5.39 12.20
N PHE B 296 2.49 5.93 10.98
CA PHE B 296 1.30 6.28 10.20
C PHE B 296 0.71 7.62 10.62
N ASN B 297 1.36 8.36 11.51
CA ASN B 297 0.87 9.66 11.95
C ASN B 297 1.86 10.75 11.58
N CYS B 298 1.36 11.98 11.55
CA CYS B 298 2.18 13.17 11.55
C CYS B 298 1.99 13.87 12.90
N ASN B 299 3.10 14.22 13.54
CA ASN B 299 3.06 14.91 14.83
C ASN B 299 3.32 16.39 14.62
N VAL B 300 2.44 17.22 15.18
CA VAL B 300 2.64 18.65 15.18
C VAL B 300 3.39 19.01 16.45
N TRP B 301 4.58 19.57 16.29
CA TRP B 301 5.45 19.93 17.39
C TRP B 301 5.43 21.44 17.59
N ASP B 302 5.42 21.87 18.84
CA ASP B 302 5.72 23.25 19.16
C ASP B 302 7.21 23.47 18.95
N ALA B 303 7.57 24.11 17.83
CA ALA B 303 8.97 24.27 17.48
C ALA B 303 9.77 25.00 18.56
N LEU B 304 9.10 25.82 19.38
CA LEU B 304 9.80 26.60 20.40
C LEU B 304 9.79 25.92 21.77
N LYS B 305 8.86 25.02 22.03
CA LYS B 305 8.73 24.41 23.35
C LYS B 305 8.95 22.92 23.35
N ALA B 306 9.19 22.30 22.19
CA ALA B 306 9.43 20.87 22.11
C ALA B 306 8.29 20.07 22.76
N ASP B 307 7.07 20.55 22.55
CA ASP B 307 5.87 19.88 23.03
C ASP B 307 5.02 19.49 21.83
N ARG B 308 4.45 18.29 21.89
CA ARG B 308 3.59 17.81 20.82
C ARG B 308 2.34 18.66 20.76
N ALA B 309 2.21 19.46 19.70
CA ALA B 309 1.04 20.34 19.58
C ALA B 309 -0.20 19.54 19.21
N GLY B 310 -0.07 18.59 18.29
CA GLY B 310 -1.20 17.79 17.87
C GLY B 310 -0.74 16.71 16.92
N VAL B 311 -1.71 15.92 16.46
CA VAL B 311 -1.44 14.77 15.60
C VAL B 311 -2.35 14.84 14.38
N LEU B 312 -1.79 14.47 13.23
CA LEU B 312 -2.56 14.20 12.01
C LEU B 312 -2.60 12.70 11.82
N ALA B 313 -3.78 12.10 12.04
CA ALA B 313 -3.90 10.65 12.09
C ALA B 313 -4.85 10.14 11.01
N GLY B 314 -4.66 10.58 9.78
CA GLY B 314 -5.54 10.20 8.69
C GLY B 314 -4.97 9.21 7.69
N HIS B 315 -3.88 8.55 8.03
CA HIS B 315 -3.20 7.64 7.11
C HIS B 315 -3.09 6.26 7.72
N ASP B 316 -3.33 5.24 6.90
CA ASP B 316 -3.31 3.85 7.33
C ASP B 316 -1.94 3.20 7.13
N ASN B 317 -1.07 3.80 6.33
CA ASN B 317 0.33 3.40 6.21
C ASN B 317 1.20 4.60 6.54
N ARG B 318 2.50 4.39 6.59
CA ARG B 318 3.38 5.42 7.12
C ARG B 318 3.38 6.67 6.25
N VAL B 319 3.29 7.81 6.93
CA VAL B 319 3.45 9.09 6.23
C VAL B 319 4.84 9.15 5.64
N SER B 320 4.93 9.36 4.35
CA SER B 320 6.21 9.32 3.60
C SER B 320 6.68 10.73 3.28
N CYS B 321 5.79 11.71 3.34
CA CYS B 321 6.12 13.05 2.84
C CYS B 321 5.15 14.07 3.40
N LEU B 322 5.67 15.21 3.78
CA LEU B 322 4.87 16.32 4.26
C LEU B 322 5.15 17.53 3.39
N GLY B 323 4.19 18.44 3.36
CA GLY B 323 4.40 19.71 2.72
C GLY B 323 3.46 20.75 3.28
N VAL B 324 4.00 21.90 3.63
CA VAL B 324 3.20 23.05 4.01
C VAL B 324 3.22 24.03 2.85
N THR B 325 2.04 24.51 2.48
CA THR B 325 1.96 25.51 1.43
C THR B 325 2.81 26.71 1.79
N ASP B 326 3.31 27.40 0.75
CA ASP B 326 4.06 28.62 0.99
C ASP B 326 3.21 29.69 1.64
N ASP B 327 1.89 29.65 1.45
CA ASP B 327 0.99 30.57 2.14
C ASP B 327 0.62 30.09 3.53
N GLY B 328 1.03 28.88 3.92
CA GLY B 328 0.77 28.38 5.24
C GLY B 328 -0.65 27.90 5.48
N MET B 329 -1.49 27.89 4.44
CA MET B 329 -2.89 27.51 4.63
C MET B 329 -3.03 26.05 5.00
N ALA B 330 -2.28 25.16 4.36
CA ALA B 330 -2.50 23.74 4.52
C ALA B 330 -1.17 23.00 4.58
N VAL B 331 -1.23 21.81 5.18
CA VAL B 331 -0.14 20.85 5.11
C VAL B 331 -0.65 19.65 4.32
N ALA B 332 0.15 19.19 3.37
CA ALA B 332 -0.14 17.98 2.62
C ALA B 332 0.65 16.82 3.21
N THR B 333 -0.04 15.72 3.47
CA THR B 333 0.59 14.51 3.97
C THR B 333 0.38 13.41 2.94
N GLY B 334 1.46 12.88 2.40
CA GLY B 334 1.41 11.73 1.49
C GLY B 334 1.82 10.50 2.27
N SER B 335 1.21 9.35 2.01
CA SER B 335 1.48 8.12 2.77
C SER B 335 1.81 6.96 1.83
N TRP B 336 2.21 5.84 2.40
CA TRP B 336 2.45 4.58 1.67
C TRP B 336 1.09 3.95 1.40
N ASP B 337 0.02 4.57 1.90
CA ASP B 337 -1.38 4.10 1.72
C ASP B 337 -1.91 4.63 0.38
N SER B 338 -1.12 5.32 -0.43
CA SER B 338 -1.48 5.80 -1.80
C SER B 338 -2.32 7.08 -1.79
N PHE B 339 -2.58 7.66 -0.63
CA PHE B 339 -3.44 8.85 -0.52
C PHE B 339 -2.68 10.08 -0.03
N LEU B 340 -2.98 11.22 -0.60
CA LEU B 340 -2.44 12.48 -0.04
C LEU B 340 -3.62 13.06 0.73
N LYS B 341 -3.41 13.64 1.88
CA LYS B 341 -4.44 14.35 2.63
C LYS B 341 -3.99 15.78 2.87
N ILE B 342 -4.88 16.72 2.60
CA ILE B 342 -4.68 18.13 2.89
C ILE B 342 -5.28 18.41 4.26
N TRP B 343 -4.54 19.10 5.11
CA TRP B 343 -4.97 19.38 6.46
C TRP B 343 -4.94 20.88 6.72
N ASN B 344 -5.91 21.36 7.50
CA ASN B 344 -5.95 22.75 7.92
C ASN B 344 -6.29 22.83 9.40
N ILE C 9 43.96 8.46 2.68
CA ILE C 9 45.15 9.30 2.35
C ILE C 9 44.73 10.77 2.32
N ALA C 10 44.51 11.31 1.12
CA ALA C 10 44.09 12.70 1.00
C ALA C 10 42.71 12.93 1.60
N GLN C 11 41.94 11.87 1.85
CA GLN C 11 40.67 12.02 2.54
C GLN C 11 40.88 12.59 3.94
N ALA C 12 41.88 12.08 4.66
CA ALA C 12 42.18 12.63 5.99
C ALA C 12 42.61 14.08 5.89
N ARG C 13 43.44 14.43 4.90
CA ARG C 13 43.89 15.81 4.76
C ARG C 13 42.71 16.73 4.47
N LYS C 14 41.77 16.28 3.64
CA LYS C 14 40.59 17.08 3.35
C LYS C 14 39.75 17.30 4.61
N LEU C 15 39.65 16.27 5.46
CA LEU C 15 38.87 16.41 6.68
C LEU C 15 39.42 17.53 7.57
N VAL C 16 40.74 17.59 7.72
CA VAL C 16 41.34 18.66 8.52
C VAL C 16 41.06 20.01 7.88
N GLU C 17 41.23 20.12 6.57
CA GLU C 17 40.93 21.37 5.88
C GLU C 17 39.46 21.72 6.01
N GLN C 18 38.58 20.73 5.83
CA GLN C 18 37.16 20.97 6.04
C GLN C 18 36.87 21.36 7.48
N LEU C 19 37.45 20.64 8.43
CA LEU C 19 37.21 20.96 9.83
C LEU C 19 37.73 22.34 10.18
N LYS C 20 38.91 22.71 9.67
CA LYS C 20 39.43 24.05 9.93
C LYS C 20 38.47 25.12 9.41
N MET C 21 37.94 24.92 8.21
CA MET C 21 36.92 25.83 7.70
C MET C 21 35.68 25.80 8.58
N GLU C 22 35.29 24.61 9.05
CA GLU C 22 34.15 24.49 9.94
C GLU C 22 34.45 24.98 11.35
N ALA C 23 35.72 25.00 11.74
CA ALA C 23 36.08 25.49 13.07
C ALA C 23 36.20 27.00 13.09
N ASN C 24 36.58 27.61 11.98
CA ASN C 24 36.81 29.06 11.92
C ASN C 24 35.59 29.76 11.33
N ILE C 25 34.48 29.70 12.06
CA ILE C 25 33.27 30.42 11.69
C ILE C 25 32.76 31.18 12.91
N ASP C 26 32.14 32.32 12.65
CA ASP C 26 31.60 33.15 13.71
C ASP C 26 30.33 32.51 14.26
N ARG C 27 30.38 32.12 15.53
CA ARG C 27 29.24 31.48 16.20
C ARG C 27 28.59 32.51 17.09
N ILE C 28 27.26 32.49 17.19
CA ILE C 28 26.52 33.41 18.11
C ILE C 28 26.08 32.55 19.30
N LYS C 29 25.64 33.20 20.36
CA LYS C 29 25.17 32.47 21.57
C LYS C 29 23.77 31.90 21.28
N VAL C 30 23.43 30.79 21.92
CA VAL C 30 22.14 30.08 21.69
C VAL C 30 21.00 30.92 22.24
N SER C 31 21.28 31.91 23.07
CA SER C 31 20.26 32.84 23.60
C SER C 31 19.88 33.88 22.53
N LYS C 32 20.78 34.23 21.63
CA LYS C 32 20.52 35.23 20.56
C LYS C 32 20.02 34.44 19.35
N ALA C 33 20.38 33.18 19.27
CA ALA C 33 19.91 32.28 18.20
C ALA C 33 18.49 31.91 18.56
N ALA C 34 18.29 31.56 19.83
CA ALA C 34 16.96 31.21 20.32
C ALA C 34 16.05 32.43 20.36
N ALA C 35 16.59 33.57 20.77
CA ALA C 35 15.77 34.78 20.81
C ALA C 35 15.32 35.18 19.42
N ASP C 36 16.20 35.05 18.42
CA ASP C 36 15.82 35.40 17.06
C ASP C 36 14.74 34.48 16.53
N LEU C 37 14.85 33.17 16.80
CA LEU C 37 13.81 32.24 16.38
C LEU C 37 12.49 32.54 17.06
N MET C 38 12.54 32.85 18.36
CA MET C 38 11.32 33.28 19.06
C MET C 38 10.77 34.56 18.45
N ALA C 39 11.64 35.52 18.16
CA ALA C 39 11.19 36.79 17.60
C ALA C 39 10.53 36.56 16.25
N TYR C 40 11.10 35.69 15.42
CA TYR C 40 10.51 35.43 14.11
C TYR C 40 9.11 34.83 14.26
N CYS C 41 8.94 33.89 15.18
CA CYS C 41 7.63 33.25 15.35
C CYS C 41 6.60 34.26 15.83
N GLU C 42 6.95 35.09 16.80
CA GLU C 42 6.01 36.10 17.29
C GLU C 42 5.65 37.09 16.19
N ALA C 43 6.63 37.52 15.41
CA ALA C 43 6.34 38.45 14.33
C ALA C 43 5.37 37.84 13.33
N HIS C 44 5.56 36.57 12.99
CA HIS C 44 4.74 35.90 11.99
C HIS C 44 3.67 35.01 12.61
N ALA C 45 3.47 35.08 13.92
CA ALA C 45 2.45 34.25 14.56
C ALA C 45 1.06 34.55 14.02
N LYS C 46 0.74 35.83 13.84
CA LYS C 46 -0.59 36.20 13.38
C LYS C 46 -0.87 35.64 11.99
N GLU C 47 0.10 35.73 11.08
CA GLU C 47 -0.09 35.25 9.72
C GLU C 47 0.36 33.81 9.54
N ASP C 48 -0.07 32.93 10.45
CA ASP C 48 0.21 31.50 10.37
C ASP C 48 -1.11 30.75 10.43
N PRO C 49 -1.68 30.37 9.30
CA PRO C 49 -3.01 29.72 9.32
C PRO C 49 -3.05 28.45 10.15
N LEU C 50 -1.95 27.70 10.24
CA LEU C 50 -1.96 26.45 10.99
C LEU C 50 -1.95 26.66 12.49
N LEU C 51 -1.56 27.85 12.96
CA LEU C 51 -1.61 28.14 14.38
C LEU C 51 -3.01 28.52 14.83
N THR C 52 -3.52 29.63 14.32
CA THR C 52 -4.84 30.12 14.66
C THR C 52 -5.75 29.91 13.45
N PRO C 53 -6.71 29.00 13.51
CA PRO C 53 -7.57 28.78 12.33
C PRO C 53 -8.19 30.08 11.86
N VAL C 54 -7.98 30.38 10.59
CA VAL C 54 -8.54 31.58 9.95
C VAL C 54 -10.03 31.34 9.78
N PRO C 55 -10.83 32.37 9.52
CA PRO C 55 -12.28 32.16 9.35
C PRO C 55 -12.55 31.18 8.21
N ALA C 56 -13.57 30.35 8.41
CA ALA C 56 -13.88 29.32 7.43
C ALA C 56 -14.16 29.93 6.05
N SER C 57 -14.62 31.17 6.00
CA SER C 57 -14.84 31.82 4.70
C SER C 57 -13.53 32.10 3.99
N GLU C 58 -12.45 32.30 4.74
CA GLU C 58 -11.14 32.61 4.17
C GLU C 58 -10.31 31.37 3.84
N ASN C 59 -10.73 30.19 4.28
CA ASN C 59 -9.94 28.98 4.08
C ASN C 59 -10.25 28.38 2.71
N PRO C 60 -9.27 28.25 1.81
CA PRO C 60 -9.55 27.68 0.48
C PRO C 60 -9.84 26.19 0.51
N PHE C 61 -9.75 25.54 1.68
CA PHE C 61 -10.00 24.12 1.80
C PHE C 61 -11.23 23.87 2.67
N LEU D 139 -52.47 -17.16 17.19
CA LEU D 139 -52.15 -18.36 18.00
C LEU D 139 -50.67 -18.39 18.34
N ALA D 140 -50.31 -19.14 19.39
CA ALA D 140 -48.91 -19.17 19.83
C ALA D 140 -48.00 -19.60 18.70
N LEU D 141 -48.44 -20.56 17.87
CA LEU D 141 -47.64 -20.97 16.72
C LEU D 141 -47.45 -19.81 15.75
N ALA D 142 -48.53 -19.06 15.49
CA ALA D 142 -48.42 -17.94 14.56
C ALA D 142 -47.43 -16.90 15.08
N ILE D 143 -47.48 -16.60 16.37
CA ILE D 143 -46.49 -15.71 16.97
C ILE D 143 -45.10 -16.32 16.86
N ALA D 144 -44.99 -17.63 17.12
CA ALA D 144 -43.70 -18.28 16.99
C ALA D 144 -43.17 -18.22 15.56
N ILE D 145 -44.05 -18.47 14.59
CA ILE D 145 -43.65 -18.35 13.19
C ILE D 145 -43.31 -16.90 12.86
N THR D 146 -44.13 -15.97 13.36
CA THR D 146 -43.84 -14.55 13.15
C THR D 146 -42.52 -14.16 13.79
N ALA D 147 -42.28 -14.64 15.02
CA ALA D 147 -41.01 -14.35 15.69
C ALA D 147 -39.84 -14.97 14.94
N LEU D 148 -39.99 -16.20 14.46
CA LEU D 148 -38.92 -16.82 13.68
C LEU D 148 -38.61 -15.99 12.44
N TYR D 149 -39.64 -15.41 11.82
CA TYR D 149 -39.39 -14.54 10.68
C TYR D 149 -38.79 -13.21 11.12
N SER D 150 -39.24 -12.69 12.26
CA SER D 150 -38.67 -11.44 12.77
C SER D 150 -37.18 -11.60 13.07
N ILE D 151 -36.82 -12.63 13.83
CA ILE D 151 -35.42 -12.80 14.23
C ILE D 151 -34.55 -12.95 12.99
N VAL D 152 -35.00 -13.74 12.02
CA VAL D 152 -34.28 -13.88 10.77
C VAL D 152 -34.16 -12.53 10.08
N CYS D 153 -35.21 -11.71 10.17
CA CYS D 153 -35.14 -10.37 9.60
C CYS D 153 -34.14 -9.50 10.35
N VAL D 154 -34.24 -9.48 11.68
CA VAL D 154 -33.35 -8.62 12.46
C VAL D 154 -31.91 -9.07 12.31
N VAL D 155 -31.66 -10.37 12.39
CA VAL D 155 -30.30 -10.88 12.21
C VAL D 155 -29.81 -10.56 10.81
N GLY D 156 -30.66 -10.75 9.80
CA GLY D 156 -30.22 -10.53 8.43
C GLY D 156 -29.87 -9.08 8.17
N LEU D 157 -30.74 -8.16 8.61
CA LEU D 157 -30.48 -6.74 8.40
C LEU D 157 -29.28 -6.27 9.21
N PHE D 158 -29.23 -6.61 10.49
CA PHE D 158 -28.14 -6.15 11.34
C PHE D 158 -26.81 -6.70 10.85
N GLY D 159 -26.77 -7.98 10.47
CA GLY D 159 -25.54 -8.54 9.95
C GLY D 159 -25.14 -7.93 8.61
N ASN D 160 -26.11 -7.76 7.71
CA ASN D 160 -25.77 -7.28 6.38
C ASN D 160 -25.48 -5.79 6.38
N PHE D 161 -26.25 -5.00 7.13
CA PHE D 161 -25.96 -3.58 7.24
C PHE D 161 -24.62 -3.36 7.90
N LEU D 162 -24.26 -4.21 8.87
CA LEU D 162 -22.95 -4.12 9.48
C LEU D 162 -21.85 -4.37 8.46
N VAL D 163 -22.03 -5.37 7.61
CA VAL D 163 -21.01 -5.68 6.60
C VAL D 163 -20.87 -4.53 5.63
N MET D 164 -22.00 -4.00 5.16
CA MET D 164 -21.94 -2.86 4.25
C MET D 164 -21.34 -1.65 4.93
N TYR D 165 -21.66 -1.44 6.21
CA TYR D 165 -21.08 -0.32 6.93
C TYR D 165 -19.56 -0.45 7.01
N VAL D 166 -19.07 -1.63 7.39
CA VAL D 166 -17.62 -1.82 7.50
C VAL D 166 -16.98 -1.65 6.13
N ILE D 167 -17.62 -2.14 5.09
CA ILE D 167 -17.07 -2.02 3.74
C ILE D 167 -17.01 -0.56 3.32
N VAL D 168 -18.07 0.20 3.59
CA VAL D 168 -18.11 1.59 3.16
C VAL D 168 -17.00 2.39 3.83
N ARG D 169 -16.79 2.15 5.12
CA ARG D 169 -15.87 2.95 5.95
C ARG D 169 -14.48 2.35 6.21
N TYR D 170 -14.33 1.04 6.34
CA TYR D 170 -13.05 0.43 6.67
C TYR D 170 -12.47 -0.39 5.52
N THR D 171 -13.19 -1.42 5.08
CA THR D 171 -12.76 -2.21 3.93
C THR D 171 -13.43 -1.63 2.70
N LYS D 172 -12.83 -0.57 2.17
CA LYS D 172 -13.40 0.14 1.03
C LYS D 172 -13.74 -0.82 -0.09
N MET D 173 -14.59 -0.40 -1.02
CA MET D 173 -14.95 -1.21 -2.17
C MET D 173 -13.90 -1.09 -3.26
N LYS D 174 -12.66 -1.39 -2.87
CA LYS D 174 -11.52 -1.34 -3.77
C LYS D 174 -11.22 -2.70 -4.38
N THR D 175 -11.14 -3.72 -3.55
CA THR D 175 -10.88 -5.06 -4.04
C THR D 175 -12.15 -5.65 -4.66
N ALA D 176 -11.95 -6.55 -5.62
CA ALA D 176 -13.09 -7.23 -6.23
C ALA D 176 -13.92 -7.94 -5.17
N THR D 177 -13.25 -8.57 -4.20
CA THR D 177 -13.97 -9.31 -3.17
C THR D 177 -14.92 -8.41 -2.39
N ASN D 178 -14.43 -7.26 -1.93
CA ASN D 178 -15.29 -6.37 -1.15
C ASN D 178 -16.50 -5.94 -1.95
N ILE D 179 -16.34 -5.72 -3.25
CA ILE D 179 -17.46 -5.34 -4.10
C ILE D 179 -18.49 -6.45 -4.12
N TYR D 180 -18.05 -7.70 -4.26
CA TYR D 180 -18.97 -8.83 -4.15
C TYR D 180 -19.55 -8.95 -2.75
N ILE D 181 -18.74 -8.75 -1.72
CA ILE D 181 -19.25 -8.84 -0.36
C ILE D 181 -20.31 -7.77 -0.13
N PHE D 182 -20.03 -6.55 -0.57
CA PHE D 182 -21.01 -5.48 -0.43
C PHE D 182 -22.28 -5.80 -1.23
N ASN D 183 -22.11 -6.34 -2.44
CA ASN D 183 -23.26 -6.72 -3.25
C ASN D 183 -24.04 -7.84 -2.59
N LEU D 184 -23.34 -8.86 -2.08
CA LEU D 184 -24.01 -9.94 -1.37
C LEU D 184 -24.73 -9.41 -0.14
N ALA D 185 -24.08 -8.53 0.61
CA ALA D 185 -24.73 -7.95 1.79
C ALA D 185 -25.92 -7.08 1.41
N LEU D 186 -25.79 -6.30 0.33
CA LEU D 186 -26.91 -5.48 -0.11
C LEU D 186 -28.06 -6.34 -0.61
N ALA D 187 -27.74 -7.34 -1.44
CA ALA D 187 -28.78 -8.26 -1.89
C ALA D 187 -29.39 -9.01 -0.72
N ASP D 188 -28.55 -9.45 0.22
CA ASP D 188 -29.05 -10.15 1.40
C ASP D 188 -29.92 -9.23 2.26
N ALA D 189 -29.50 -7.98 2.43
CA ALA D 189 -30.30 -7.03 3.21
C ALA D 189 -31.63 -6.75 2.53
N LEU D 190 -31.63 -6.55 1.21
CA LEU D 190 -32.88 -6.31 0.50
C LEU D 190 -33.77 -7.53 0.57
N ALA D 191 -33.20 -8.73 0.46
CA ALA D 191 -34.00 -9.94 0.59
C ALA D 191 -34.65 -10.00 1.96
N THR D 192 -33.91 -9.71 3.01
CA THR D 192 -34.46 -9.80 4.36
C THR D 192 -35.32 -8.59 4.73
N SER D 193 -35.31 -7.53 3.93
CA SER D 193 -36.21 -6.40 4.19
C SER D 193 -37.64 -6.72 3.81
N THR D 194 -37.84 -7.74 2.97
CA THR D 194 -39.18 -8.18 2.61
C THR D 194 -39.84 -9.01 3.69
N LEU D 195 -39.08 -9.47 4.68
CA LEU D 195 -39.56 -10.42 5.66
C LEU D 195 -40.54 -9.80 6.64
N PRO D 196 -40.36 -8.55 7.08
CA PRO D 196 -41.36 -7.94 7.96
C PRO D 196 -42.73 -7.86 7.33
N PHE D 197 -42.80 -7.56 6.03
CA PHE D 197 -44.09 -7.50 5.35
C PHE D 197 -44.72 -8.88 5.27
N GLN D 198 -43.92 -9.90 4.94
CA GLN D 198 -44.41 -11.27 4.98
C GLN D 198 -44.71 -11.71 6.40
N SER D 199 -43.95 -11.23 7.37
CA SER D 199 -44.22 -11.59 8.76
C SER D 199 -45.56 -11.03 9.20
N VAL D 200 -45.86 -9.78 8.83
CA VAL D 200 -47.16 -9.20 9.14
C VAL D 200 -48.25 -9.87 8.31
N ASN D 201 -47.96 -10.15 7.04
CA ASN D 201 -48.94 -10.79 6.16
C ASN D 201 -49.30 -12.19 6.62
N TYR D 202 -48.53 -12.77 7.53
CA TYR D 202 -48.85 -14.07 8.09
C TYR D 202 -49.53 -13.99 9.44
N LEU D 203 -49.09 -13.09 10.31
CA LEU D 203 -49.67 -13.05 11.66
C LEU D 203 -51.14 -12.68 11.63
N MET D 204 -51.51 -11.70 10.80
CA MET D 204 -52.89 -11.24 10.70
C MET D 204 -53.63 -11.85 9.53
N GLY D 205 -52.97 -12.68 8.71
CA GLY D 205 -53.64 -13.43 7.68
C GLY D 205 -54.07 -12.65 6.48
N THR D 206 -53.61 -11.41 6.35
CA THR D 206 -54.01 -10.57 5.23
C THR D 206 -52.87 -9.60 4.94
N TRP D 207 -52.86 -9.08 3.71
CA TRP D 207 -51.84 -8.15 3.27
C TRP D 207 -52.35 -6.72 3.45
N PRO D 208 -51.96 -6.00 4.50
CA PRO D 208 -52.44 -4.64 4.71
C PRO D 208 -51.61 -3.55 4.05
N PHE D 209 -50.66 -3.89 3.20
CA PHE D 209 -49.72 -2.91 2.66
C PHE D 209 -50.08 -2.45 1.26
N GLY D 210 -51.20 -2.89 0.72
CA GLY D 210 -51.69 -2.37 -0.55
C GLY D 210 -51.08 -3.05 -1.75
N ASN D 211 -51.57 -2.66 -2.92
CA ASN D 211 -51.16 -3.31 -4.15
C ASN D 211 -49.74 -2.91 -4.54
N ILE D 212 -49.41 -1.63 -4.43
CA ILE D 212 -48.11 -1.15 -4.92
C ILE D 212 -46.99 -1.82 -4.16
N LEU D 213 -47.08 -1.86 -2.84
CA LEU D 213 -46.03 -2.48 -2.04
C LEU D 213 -45.91 -3.96 -2.35
N CYS D 214 -47.03 -4.62 -2.62
CA CYS D 214 -47.00 -6.05 -2.93
C CYS D 214 -46.10 -6.32 -4.13
N LYS D 215 -46.22 -5.51 -5.18
CA LYS D 215 -45.32 -5.66 -6.31
C LYS D 215 -43.87 -5.45 -5.89
N ILE D 216 -43.62 -4.49 -5.02
CA ILE D 216 -42.26 -4.25 -4.56
C ILE D 216 -41.77 -5.41 -3.69
N VAL D 217 -42.56 -5.78 -2.68
CA VAL D 217 -42.08 -6.78 -1.71
C VAL D 217 -41.92 -8.16 -2.35
N ILE D 218 -42.51 -8.44 -3.49
CA ILE D 218 -42.43 -9.78 -4.12
C ILE D 218 -41.33 -9.72 -5.17
N SER D 219 -41.16 -8.57 -5.79
CA SER D 219 -40.09 -8.35 -6.79
C SER D 219 -38.77 -8.32 -6.03
N ILE D 220 -38.74 -7.70 -4.87
CA ILE D 220 -37.51 -7.57 -4.05
C ILE D 220 -37.14 -8.97 -3.57
N ASP D 221 -38.12 -9.71 -3.06
CA ASP D 221 -37.92 -11.12 -2.70
C ASP D 221 -37.33 -11.83 -3.91
N TYR D 222 -38.05 -11.98 -4.97
CA TYR D 222 -37.63 -12.81 -6.12
C TYR D 222 -36.34 -12.25 -6.68
N TYR D 223 -36.20 -10.93 -6.71
CA TYR D 223 -35.03 -10.24 -7.29
C TYR D 223 -33.82 -10.52 -6.44
N ASN D 224 -33.94 -10.40 -5.12
CA ASN D 224 -32.81 -10.51 -4.17
C ASN D 224 -32.46 -11.96 -3.91
N MET D 225 -33.33 -12.90 -4.15
CA MET D 225 -32.95 -14.30 -4.13
C MET D 225 -31.98 -14.60 -5.27
N PHE D 226 -32.35 -14.19 -6.48
CA PHE D 226 -31.49 -14.45 -7.63
C PHE D 226 -30.23 -13.59 -7.57
N THR D 227 -30.35 -12.37 -7.06
CA THR D 227 -29.16 -11.55 -6.89
C THR D 227 -28.26 -12.09 -5.79
N SER D 228 -28.83 -12.51 -4.66
CA SER D 228 -28.02 -13.10 -3.61
C SER D 228 -27.37 -14.39 -4.07
N ILE D 229 -28.12 -15.23 -4.78
CA ILE D 229 -27.57 -16.49 -5.25
C ILE D 229 -26.50 -16.24 -6.30
N PHE D 230 -26.77 -15.34 -7.24
CA PHE D 230 -25.80 -15.10 -8.30
C PHE D 230 -24.55 -14.37 -7.81
N THR D 231 -24.64 -13.64 -6.70
CA THR D 231 -23.44 -13.10 -6.09
C THR D 231 -22.59 -14.22 -5.47
N LEU D 232 -23.24 -15.17 -4.79
CA LEU D 232 -22.52 -16.35 -4.32
C LEU D 232 -21.94 -17.13 -5.48
N CYS D 233 -22.69 -17.24 -6.58
CA CYS D 233 -22.17 -17.92 -7.75
C CYS D 233 -21.03 -17.14 -8.37
N THR D 234 -21.07 -15.81 -8.32
CA THR D 234 -19.96 -15.02 -8.81
C THR D 234 -18.78 -15.07 -7.85
N MET D 235 -19.06 -15.05 -6.54
CA MET D 235 -17.98 -15.16 -5.56
C MET D 235 -17.34 -16.54 -5.60
N SER D 236 -18.10 -17.55 -5.99
CA SER D 236 -17.51 -18.87 -6.17
C SER D 236 -16.64 -18.92 -7.42
N VAL D 237 -17.14 -18.39 -8.53
CA VAL D 237 -16.36 -18.33 -9.76
C VAL D 237 -15.18 -17.39 -9.60
N ASP D 238 -15.35 -16.31 -8.83
CA ASP D 238 -14.23 -15.41 -8.58
C ASP D 238 -13.13 -16.11 -7.81
N ARG D 239 -13.49 -16.88 -6.79
CA ARG D 239 -12.50 -17.61 -6.02
C ARG D 239 -11.97 -18.82 -6.77
N TYR D 240 -12.69 -19.28 -7.79
CA TYR D 240 -12.23 -20.41 -8.57
C TYR D 240 -11.24 -19.98 -9.65
N ILE D 241 -11.53 -18.88 -10.35
CA ILE D 241 -10.59 -18.34 -11.32
C ILE D 241 -9.34 -17.84 -10.59
N ALA D 242 -9.50 -17.31 -9.39
CA ALA D 242 -8.36 -16.87 -8.61
C ALA D 242 -7.38 -18.02 -8.38
N VAL D 243 -7.89 -19.20 -8.05
CA VAL D 243 -7.04 -20.30 -7.64
C VAL D 243 -6.67 -21.21 -8.81
N CYS D 244 -7.58 -21.41 -9.77
CA CYS D 244 -7.34 -22.34 -10.86
C CYS D 244 -6.88 -21.67 -12.15
N HIS D 245 -7.16 -20.39 -12.33
CA HIS D 245 -6.65 -19.61 -13.46
C HIS D 245 -6.01 -18.34 -12.93
N PRO D 246 -4.99 -18.48 -12.08
CA PRO D 246 -4.40 -17.28 -11.46
C PRO D 246 -3.81 -16.33 -12.48
N VAL D 247 -3.26 -16.84 -13.56
CA VAL D 247 -2.70 -15.96 -14.60
C VAL D 247 -3.81 -15.15 -15.24
N LYS D 248 -4.91 -15.82 -15.63
CA LYS D 248 -6.04 -15.11 -16.20
C LYS D 248 -6.80 -14.31 -15.14
N ALA D 249 -6.71 -14.72 -13.87
CA ALA D 249 -7.40 -13.99 -12.82
C ALA D 249 -6.93 -12.55 -12.73
N LEU D 250 -5.65 -12.29 -13.01
CA LEU D 250 -5.14 -10.94 -12.95
C LEU D 250 -5.86 -10.04 -13.96
N ASP D 251 -6.10 -10.54 -15.16
CA ASP D 251 -6.78 -9.76 -16.18
C ASP D 251 -8.28 -9.63 -15.92
N PHE D 252 -8.88 -10.59 -15.22
CA PHE D 252 -10.32 -10.61 -15.02
C PHE D 252 -10.75 -10.17 -13.63
N ARG D 253 -9.93 -10.38 -12.60
CA ARG D 253 -10.32 -10.07 -11.23
C ARG D 253 -10.04 -8.63 -10.86
N THR D 254 -10.04 -7.73 -11.83
CA THR D 254 -9.92 -6.32 -11.53
C THR D 254 -11.17 -5.84 -10.81
N PRO D 255 -11.06 -4.80 -9.98
CA PRO D 255 -12.27 -4.24 -9.36
C PRO D 255 -13.31 -3.78 -10.36
N ARG D 256 -12.87 -3.29 -11.53
N ARG D 256 -12.87 -3.29 -11.53
CA ARG D 256 -13.82 -2.85 -12.55
CA ARG D 256 -13.83 -2.85 -12.54
C ARG D 256 -14.71 -4.00 -13.00
N ASN D 257 -14.12 -5.17 -13.25
CA ASN D 257 -14.92 -6.31 -13.68
C ASN D 257 -15.89 -6.74 -12.59
N ALA D 258 -15.47 -6.68 -11.33
CA ALA D 258 -16.38 -6.98 -10.24
C ALA D 258 -17.57 -6.05 -10.25
N LYS D 259 -17.34 -4.77 -10.56
CA LYS D 259 -18.45 -3.83 -10.70
C LYS D 259 -19.36 -4.25 -11.85
N ILE D 260 -18.78 -4.66 -12.98
CA ILE D 260 -19.59 -5.03 -14.13
C ILE D 260 -20.40 -6.29 -13.82
N VAL D 261 -19.73 -7.34 -13.34
CA VAL D 261 -20.44 -8.60 -13.10
C VAL D 261 -21.51 -8.41 -12.05
N ASN D 262 -21.26 -7.53 -11.09
CA ASN D 262 -22.26 -7.24 -10.04
C ASN D 262 -23.47 -6.61 -10.70
N VAL D 263 -23.29 -5.55 -11.49
CA VAL D 263 -24.38 -4.85 -12.20
C VAL D 263 -25.09 -5.86 -13.09
N CYS D 264 -24.37 -6.69 -13.82
CA CYS D 264 -24.94 -7.76 -14.68
C CYS D 264 -25.77 -8.74 -13.85
N ASN D 265 -25.38 -9.04 -12.61
CA ASN D 265 -26.16 -9.92 -11.72
C ASN D 265 -27.52 -9.25 -11.52
N TRP D 266 -27.53 -8.00 -11.08
CA TRP D 266 -28.76 -7.25 -10.80
C TRP D 266 -29.57 -7.15 -12.10
N ILE D 267 -28.93 -6.92 -13.25
CA ILE D 267 -29.67 -6.77 -14.54
C ILE D 267 -30.32 -8.11 -14.83
N LEU D 268 -29.57 -9.19 -14.90
CA LEU D 268 -30.12 -10.53 -15.24
C LEU D 268 -31.21 -10.90 -14.24
N SER D 269 -31.04 -10.59 -12.96
CA SER D 269 -32.00 -10.90 -11.89
C SER D 269 -33.30 -10.12 -12.12
N SER D 270 -33.31 -9.20 -13.08
CA SER D 270 -34.51 -8.43 -13.47
C SER D 270 -35.30 -9.28 -14.47
N ALA D 271 -34.68 -10.29 -15.07
CA ALA D 271 -35.33 -11.25 -15.97
C ALA D 271 -36.41 -11.99 -15.19
N ILE D 272 -36.33 -12.02 -13.87
CA ILE D 272 -37.37 -12.61 -13.04
C ILE D 272 -38.06 -11.57 -12.16
N GLY D 273 -37.30 -10.61 -11.64
CA GLY D 273 -37.89 -9.61 -10.76
C GLY D 273 -38.91 -8.75 -11.47
N LEU D 274 -38.58 -8.29 -12.68
CA LEU D 274 -39.53 -7.47 -13.43
C LEU D 274 -40.79 -8.25 -13.81
N PRO D 275 -40.71 -9.43 -14.43
CA PRO D 275 -41.95 -10.20 -14.65
C PRO D 275 -42.71 -10.46 -13.37
N VAL D 276 -42.00 -10.73 -12.28
CA VAL D 276 -42.68 -10.92 -10.99
C VAL D 276 -43.33 -9.61 -10.56
N MET D 277 -42.69 -8.49 -10.81
CA MET D 277 -43.27 -7.20 -10.44
C MET D 277 -44.58 -6.95 -11.18
N PHE D 278 -44.60 -7.26 -12.49
CA PHE D 278 -45.83 -7.10 -13.25
C PHE D 278 -46.92 -8.03 -12.75
N MET D 279 -46.56 -9.28 -12.45
CA MET D 279 -47.54 -10.30 -12.09
C MET D 279 -47.91 -10.29 -10.62
N ALA D 280 -47.17 -9.57 -9.78
CA ALA D 280 -47.39 -9.61 -8.33
C ALA D 280 -48.53 -8.67 -7.97
N THR D 281 -49.73 -9.07 -8.37
CA THR D 281 -50.94 -8.31 -8.08
C THR D 281 -51.55 -8.81 -6.78
N THR D 282 -52.14 -7.88 -6.03
CA THR D 282 -52.85 -8.24 -4.82
C THR D 282 -54.27 -8.68 -5.16
N LYS D 283 -54.72 -9.76 -4.54
CA LYS D 283 -56.02 -10.34 -4.83
C LYS D 283 -56.82 -10.51 -3.54
N TYR D 284 -58.11 -10.23 -3.62
CA TYR D 284 -59.02 -10.42 -2.49
C TYR D 284 -59.56 -11.83 -2.52
N ARG D 285 -59.51 -12.51 -1.37
CA ARG D 285 -59.92 -13.91 -1.32
C ARG D 285 -60.39 -14.25 0.09
N GLN D 286 -61.57 -14.86 0.18
CA GLN D 286 -62.12 -15.32 1.45
C GLN D 286 -62.21 -14.19 2.47
N GLY D 287 -62.48 -12.98 1.99
CA GLY D 287 -62.60 -11.84 2.87
C GLY D 287 -61.29 -11.31 3.39
N SER D 288 -60.17 -11.83 2.91
CA SER D 288 -58.84 -11.36 3.30
C SER D 288 -58.02 -11.09 2.05
N ILE D 289 -57.05 -10.20 2.17
CA ILE D 289 -56.22 -9.78 1.05
C ILE D 289 -54.99 -10.67 1.00
N ASP D 290 -54.73 -11.24 -0.17
CA ASP D 290 -53.58 -12.11 -0.39
C ASP D 290 -52.69 -11.50 -1.46
N CYS D 291 -51.46 -11.18 -1.07
CA CYS D 291 -50.46 -10.67 -2.01
C CYS D 291 -49.72 -11.85 -2.61
N THR D 292 -49.91 -12.08 -3.90
CA THR D 292 -49.35 -13.26 -4.57
C THR D 292 -49.14 -12.92 -6.03
N LEU D 293 -48.79 -13.93 -6.82
CA LEU D 293 -48.55 -13.79 -8.25
C LEU D 293 -49.77 -14.24 -9.03
N THR D 294 -50.09 -13.48 -10.06
CA THR D 294 -51.19 -13.78 -10.97
C THR D 294 -50.60 -14.15 -12.33
N PHE D 295 -50.88 -15.35 -12.79
CA PHE D 295 -50.33 -15.85 -14.04
C PHE D 295 -51.39 -15.83 -15.13
N SER D 296 -50.94 -16.10 -16.36
CA SER D 296 -51.79 -16.12 -17.53
C SER D 296 -52.25 -17.55 -17.81
N HIS D 297 -53.37 -17.66 -18.50
CA HIS D 297 -53.89 -18.97 -18.85
C HIS D 297 -52.92 -19.66 -19.81
N PRO D 298 -52.59 -20.94 -19.58
CA PRO D 298 -53.01 -21.76 -18.44
C PRO D 298 -52.26 -21.38 -17.17
N THR D 299 -52.98 -21.32 -16.04
CA THR D 299 -52.35 -20.92 -14.80
C THR D 299 -51.32 -21.94 -14.32
N TRP D 300 -51.55 -23.22 -14.61
CA TRP D 300 -50.58 -24.24 -14.22
C TRP D 300 -49.26 -24.07 -14.96
N TYR D 301 -49.31 -23.71 -16.23
CA TYR D 301 -48.10 -23.72 -17.05
C TYR D 301 -47.10 -22.67 -16.58
N TRP D 302 -47.56 -21.43 -16.43
CA TRP D 302 -46.65 -20.36 -16.02
C TRP D 302 -46.32 -20.43 -14.54
N GLU D 303 -47.27 -20.87 -13.71
CA GLU D 303 -47.00 -20.94 -12.27
C GLU D 303 -45.90 -21.95 -11.97
N ASN D 304 -45.95 -23.11 -12.62
CA ASN D 304 -44.91 -24.11 -12.43
C ASN D 304 -43.64 -23.76 -13.19
N LEU D 305 -43.77 -23.08 -14.33
CA LEU D 305 -42.59 -22.64 -15.06
C LEU D 305 -41.75 -21.70 -14.20
N LEU D 306 -42.42 -20.80 -13.46
CA LEU D 306 -41.68 -19.95 -12.52
C LEU D 306 -41.01 -20.80 -11.45
N LYS D 307 -41.75 -21.75 -10.88
CA LYS D 307 -41.18 -22.60 -9.84
C LYS D 307 -40.04 -23.44 -10.39
N ILE D 308 -40.20 -23.97 -11.59
CA ILE D 308 -39.14 -24.75 -12.21
C ILE D 308 -37.93 -23.88 -12.49
N CYS D 309 -38.15 -22.69 -13.03
CA CYS D 309 -37.04 -21.77 -13.24
C CYS D 309 -36.44 -21.30 -11.91
N VAL D 310 -37.27 -21.10 -10.89
CA VAL D 310 -36.71 -20.81 -9.57
C VAL D 310 -35.94 -22.02 -9.05
N PHE D 311 -36.35 -23.22 -9.46
CA PHE D 311 -35.64 -24.41 -9.02
C PHE D 311 -34.31 -24.58 -9.75
N ILE D 312 -34.30 -24.34 -11.06
CA ILE D 312 -33.09 -24.57 -11.84
C ILE D 312 -32.09 -23.45 -11.63
N PHE D 313 -32.51 -22.21 -11.82
CA PHE D 313 -31.58 -21.09 -11.83
C PHE D 313 -31.34 -20.49 -10.45
N ALA D 314 -32.08 -20.91 -9.43
CA ALA D 314 -31.82 -20.45 -8.07
C ALA D 314 -31.33 -21.56 -7.14
N PHE D 315 -31.48 -22.83 -7.51
CA PHE D 315 -30.95 -23.92 -6.71
C PHE D 315 -30.00 -24.83 -7.49
N ILE D 316 -30.42 -25.33 -8.66
CA ILE D 316 -29.64 -26.35 -9.35
C ILE D 316 -28.39 -25.73 -9.97
N MET D 317 -28.58 -24.73 -10.83
CA MET D 317 -27.43 -24.06 -11.43
C MET D 317 -26.51 -23.50 -10.36
N PRO D 318 -27.00 -22.84 -9.31
CA PRO D 318 -26.10 -22.40 -8.24
C PRO D 318 -25.34 -23.52 -7.56
N VAL D 319 -26.01 -24.61 -7.18
CA VAL D 319 -25.32 -25.68 -6.47
C VAL D 319 -24.23 -26.27 -7.36
N LEU D 320 -24.54 -26.50 -8.64
CA LEU D 320 -23.52 -27.03 -9.53
C LEU D 320 -22.35 -26.07 -9.65
N ILE D 321 -22.63 -24.78 -9.83
CA ILE D 321 -21.54 -23.80 -9.93
C ILE D 321 -20.77 -23.74 -8.61
N ILE D 322 -21.49 -23.55 -7.51
CA ILE D 322 -20.82 -23.38 -6.23
C ILE D 322 -20.02 -24.62 -5.87
N THR D 323 -20.62 -25.79 -6.04
CA THR D 323 -19.94 -27.04 -5.68
C THR D 323 -18.79 -27.33 -6.62
N VAL D 324 -19.00 -27.17 -7.93
CA VAL D 324 -17.94 -27.48 -8.89
C VAL D 324 -16.80 -26.48 -8.76
N CYS D 325 -17.13 -25.19 -8.66
CA CYS D 325 -16.09 -24.18 -8.56
C CYS D 325 -15.26 -24.36 -7.30
N TYR D 326 -15.91 -24.50 -6.15
CA TYR D 326 -15.17 -24.64 -4.91
C TYR D 326 -14.53 -26.02 -4.80
N GLY D 327 -15.18 -27.06 -5.36
CA GLY D 327 -14.57 -28.37 -5.37
C GLY D 327 -13.30 -28.41 -6.18
N LEU D 328 -13.35 -27.85 -7.39
CA LEU D 328 -12.13 -27.73 -8.18
C LEU D 328 -11.12 -26.83 -7.49
N MET D 329 -11.60 -25.84 -6.73
CA MET D 329 -10.69 -24.96 -6.02
C MET D 329 -9.90 -25.72 -4.97
N ILE D 330 -10.56 -26.58 -4.20
CA ILE D 330 -9.89 -27.34 -3.16
C ILE D 330 -8.87 -28.29 -3.76
N LEU D 331 -9.18 -28.86 -4.93
CA LEU D 331 -8.24 -29.76 -5.58
C LEU D 331 -6.94 -29.04 -5.92
N ARG D 332 -7.02 -27.82 -6.46
CA ARG D 332 -5.82 -27.03 -6.71
C ARG D 332 -5.09 -26.73 -5.41
N LEU D 333 -5.83 -26.33 -4.38
CA LEU D 333 -5.20 -25.96 -3.12
C LEU D 333 -4.48 -27.14 -2.49
N LYS D 334 -4.97 -28.36 -2.73
CA LYS D 334 -4.32 -29.54 -2.19
C LYS D 334 -2.92 -29.72 -2.76
N SER D 335 -2.60 -29.07 -3.89
CA SER D 335 -1.31 -29.22 -4.55
C SER D 335 -0.56 -27.90 -4.65
N VAL D 336 -0.82 -26.96 -3.74
CA VAL D 336 -0.16 -25.66 -3.73
C VAL D 336 0.90 -25.67 -2.64
N ARG D 337 2.02 -25.01 -2.91
CA ARG D 337 3.19 -25.14 -2.06
C ARG D 337 2.94 -24.55 -0.67
N MET D 338 2.20 -23.45 -0.59
CA MET D 338 2.03 -22.76 0.68
C MET D 338 0.90 -23.32 1.53
N LEU D 339 0.27 -24.41 1.09
CA LEU D 339 -0.73 -25.09 1.90
C LEU D 339 -0.43 -26.57 2.09
N SER D 340 0.63 -27.09 1.46
CA SER D 340 0.99 -28.48 1.57
C SER D 340 2.50 -28.59 1.82
N GLY D 341 2.89 -29.66 2.49
CA GLY D 341 4.29 -29.91 2.80
C GLY D 341 4.69 -29.58 4.21
N SER D 342 3.77 -29.16 5.07
CA SER D 342 4.08 -28.89 6.47
C SER D 342 2.84 -29.09 7.31
N LYS D 343 3.06 -29.31 8.61
CA LYS D 343 1.96 -29.43 9.54
C LYS D 343 1.12 -28.15 9.58
N GLU D 344 1.77 -27.01 9.81
CA GLU D 344 1.04 -25.77 9.95
C GLU D 344 0.39 -25.35 8.64
N LYS D 345 1.06 -25.55 7.51
CA LYS D 345 0.44 -25.24 6.23
C LYS D 345 -0.81 -26.08 6.02
N ASP D 346 -0.74 -27.37 6.39
CA ASP D 346 -1.93 -28.20 6.35
C ASP D 346 -3.02 -27.66 7.25
N ARG D 347 -2.64 -27.02 8.37
CA ARG D 347 -3.62 -26.39 9.23
C ARG D 347 -4.37 -25.29 8.48
N ASN D 348 -3.65 -24.51 7.67
CA ASN D 348 -4.30 -23.50 6.85
C ASN D 348 -5.21 -24.15 5.81
N LEU D 349 -4.73 -25.20 5.16
CA LEU D 349 -5.54 -25.86 4.12
C LEU D 349 -6.82 -26.41 4.72
N ARG D 350 -6.74 -27.03 5.90
CA ARG D 350 -7.95 -27.50 6.56
C ARG D 350 -8.89 -26.34 6.86
N ARG D 351 -8.34 -25.19 7.26
CA ARG D 351 -9.17 -24.03 7.51
C ARG D 351 -9.86 -23.56 6.23
N ILE D 352 -9.12 -23.47 5.13
CA ILE D 352 -9.73 -23.02 3.88
C ILE D 352 -10.77 -24.03 3.41
N THR D 353 -10.45 -25.33 3.51
CA THR D 353 -11.41 -26.34 3.11
C THR D 353 -12.66 -26.29 3.98
N ARG D 354 -12.49 -26.13 5.29
CA ARG D 354 -13.65 -26.00 6.16
C ARG D 354 -14.51 -24.82 5.76
N MET D 355 -13.88 -23.68 5.44
CA MET D 355 -14.63 -22.52 4.99
C MET D 355 -15.40 -22.83 3.71
N VAL D 356 -14.74 -23.47 2.75
CA VAL D 356 -15.38 -23.79 1.48
C VAL D 356 -16.53 -24.76 1.70
N LEU D 357 -16.30 -25.81 2.50
CA LEU D 357 -17.36 -26.77 2.76
C LEU D 357 -18.53 -26.10 3.48
N VAL D 358 -18.24 -25.18 4.41
CA VAL D 358 -19.29 -24.56 5.19
C VAL D 358 -20.15 -23.65 4.31
N VAL D 359 -19.56 -22.93 3.37
CA VAL D 359 -20.36 -22.07 2.50
C VAL D 359 -21.27 -22.92 1.62
N VAL D 360 -20.71 -23.96 1.00
CA VAL D 360 -21.55 -24.88 0.24
C VAL D 360 -22.57 -25.54 1.16
N ALA D 361 -22.12 -25.98 2.34
CA ALA D 361 -23.03 -26.66 3.27
C ALA D 361 -24.17 -25.75 3.71
N VAL D 362 -23.86 -24.50 4.06
CA VAL D 362 -24.89 -23.58 4.51
C VAL D 362 -25.89 -23.32 3.39
N PHE D 363 -25.38 -23.12 2.16
CA PHE D 363 -26.26 -22.90 1.03
C PHE D 363 -27.17 -24.10 0.80
N ILE D 364 -26.62 -25.32 0.86
CA ILE D 364 -27.43 -26.51 0.66
C ILE D 364 -28.45 -26.66 1.80
N VAL D 365 -28.01 -26.44 3.04
CA VAL D 365 -28.92 -26.63 4.17
C VAL D 365 -30.00 -25.56 4.20
N CYS D 366 -29.67 -24.36 3.72
CA CYS D 366 -30.65 -23.27 3.79
C CYS D 366 -31.66 -23.34 2.64
N TRP D 367 -31.19 -23.63 1.43
CA TRP D 367 -32.06 -23.51 0.26
C TRP D 367 -32.74 -24.82 -0.10
N THR D 368 -32.02 -25.94 -0.03
CA THR D 368 -32.61 -27.21 -0.45
C THR D 368 -33.94 -27.50 0.22
N PRO D 369 -34.10 -27.35 1.54
CA PRO D 369 -35.41 -27.65 2.14
C PRO D 369 -36.56 -26.93 1.47
N ILE D 370 -36.46 -25.62 1.26
CA ILE D 370 -37.57 -24.87 0.68
C ILE D 370 -37.75 -25.23 -0.80
N HIS D 371 -36.64 -25.38 -1.53
CA HIS D 371 -36.75 -25.68 -2.95
C HIS D 371 -37.44 -27.02 -3.19
N ILE D 372 -37.12 -28.04 -2.39
CA ILE D 372 -37.76 -29.33 -2.56
C ILE D 372 -39.20 -29.26 -2.06
N TYR D 373 -39.42 -28.56 -0.95
CA TYR D 373 -40.77 -28.40 -0.42
C TYR D 373 -41.68 -27.75 -1.45
N VAL D 374 -41.18 -26.72 -2.14
CA VAL D 374 -41.95 -26.08 -3.20
C VAL D 374 -42.23 -27.06 -4.33
N ILE D 375 -41.25 -27.90 -4.67
CA ILE D 375 -41.45 -28.85 -5.76
C ILE D 375 -42.46 -29.93 -5.36
N ILE D 376 -42.38 -30.40 -4.11
CA ILE D 376 -43.30 -31.43 -3.66
C ILE D 376 -44.73 -30.88 -3.58
N LYS D 377 -44.88 -29.65 -3.09
CA LYS D 377 -46.21 -29.05 -3.05
C LYS D 377 -46.79 -28.90 -4.44
N ALA D 378 -45.96 -28.50 -5.41
CA ALA D 378 -46.43 -28.35 -6.78
C ALA D 378 -46.77 -29.68 -7.44
N LEU D 379 -46.33 -30.80 -6.87
CA LEU D 379 -46.59 -32.12 -7.42
C LEU D 379 -47.77 -32.80 -6.76
N ILE D 380 -47.77 -32.92 -5.43
CA ILE D 380 -48.80 -33.65 -4.72
C ILE D 380 -49.41 -32.77 -3.64
N THR D 381 -50.65 -33.09 -3.28
CA THR D 381 -51.39 -32.34 -2.28
C THR D 381 -51.01 -32.85 -0.90
N ILE D 382 -50.39 -31.98 -0.10
CA ILE D 382 -49.98 -32.31 1.25
C ILE D 382 -51.06 -31.80 2.20
N PRO D 383 -51.65 -32.66 3.03
CA PRO D 383 -52.67 -32.16 3.98
C PRO D 383 -52.09 -31.09 4.89
N GLU D 384 -52.90 -30.07 5.15
CA GLU D 384 -52.48 -28.95 6.00
C GLU D 384 -52.66 -29.33 7.46
N THR D 385 -51.55 -29.50 8.17
CA THR D 385 -51.55 -29.87 9.58
C THR D 385 -50.65 -28.92 10.35
N THR D 386 -50.63 -29.10 11.67
CA THR D 386 -49.77 -28.28 12.53
C THR D 386 -48.29 -28.55 12.28
N PHE D 387 -47.96 -29.64 11.59
CA PHE D 387 -46.59 -29.95 11.20
C PHE D 387 -46.26 -29.49 9.80
N GLN D 388 -47.18 -29.67 8.84
CA GLN D 388 -46.93 -29.23 7.48
C GLN D 388 -46.72 -27.72 7.42
N THR D 389 -47.51 -26.97 8.20
CA THR D 389 -47.37 -25.52 8.21
C THR D 389 -46.05 -25.10 8.85
N VAL D 390 -45.74 -25.66 10.02
CA VAL D 390 -44.53 -25.26 10.72
C VAL D 390 -43.29 -25.57 9.89
N SER D 391 -43.23 -26.75 9.30
CA SER D 391 -42.08 -27.12 8.49
C SER D 391 -41.96 -26.20 7.29
N TRP D 392 -43.09 -25.86 6.66
CA TRP D 392 -43.07 -24.96 5.52
C TRP D 392 -42.45 -23.62 5.87
N HIS D 393 -42.97 -22.98 6.93
CA HIS D 393 -42.45 -21.68 7.32
C HIS D 393 -41.01 -21.79 7.79
N PHE D 394 -40.68 -22.85 8.53
CA PHE D 394 -39.29 -23.09 8.89
C PHE D 394 -38.42 -23.21 7.65
N CYS D 395 -38.92 -23.89 6.62
CA CYS D 395 -38.11 -24.06 5.41
C CYS D 395 -37.97 -22.76 4.65
N ILE D 396 -38.97 -21.88 4.72
CA ILE D 396 -38.81 -20.53 4.20
C ILE D 396 -37.83 -19.75 5.05
N ALA D 397 -37.99 -19.81 6.37
CA ALA D 397 -37.09 -19.10 7.30
C ALA D 397 -35.63 -19.51 7.05
N LEU D 398 -35.38 -20.76 6.74
CA LEU D 398 -34.03 -21.33 6.50
C LEU D 398 -33.43 -20.79 5.20
N GLY D 399 -34.24 -20.57 4.17
CA GLY D 399 -33.78 -20.01 2.88
C GLY D 399 -33.46 -18.54 3.02
N TYR D 400 -33.98 -17.87 4.03
CA TYR D 400 -33.73 -16.46 4.35
C TYR D 400 -32.58 -16.40 5.33
N THR D 401 -32.31 -17.48 6.02
CA THR D 401 -31.21 -17.57 7.02
C THR D 401 -29.89 -17.63 6.26
N ASN D 402 -29.90 -17.89 4.96
CA ASN D 402 -28.67 -17.88 4.12
C ASN D 402 -28.30 -16.42 3.93
N SER D 403 -29.25 -15.52 4.07
CA SER D 403 -29.01 -14.06 4.02
C SER D 403 -28.51 -13.69 5.41
N CYS D 404 -28.97 -14.37 6.46
CA CYS D 404 -28.46 -14.15 7.80
C CYS D 404 -27.04 -14.68 7.96
N LEU D 405 -26.69 -15.73 7.23
CA LEU D 405 -25.39 -16.35 7.35
C LEU D 405 -24.38 -15.85 6.32
N ASN D 406 -24.85 -15.34 5.19
CA ASN D 406 -23.92 -14.78 4.22
C ASN D 406 -23.03 -13.70 4.84
N PRO D 407 -23.52 -12.79 5.67
CA PRO D 407 -22.60 -11.86 6.34
C PRO D 407 -21.50 -12.56 7.13
N VAL D 408 -21.85 -13.60 7.91
CA VAL D 408 -20.83 -14.25 8.72
C VAL D 408 -19.87 -15.05 7.86
N LEU D 409 -20.38 -15.72 6.84
CA LEU D 409 -19.55 -16.65 6.08
C LEU D 409 -18.52 -15.91 5.22
N TYR D 410 -18.93 -14.80 4.61
CA TYR D 410 -18.10 -14.15 3.61
C TYR D 410 -17.43 -12.88 4.09
N ALA D 411 -17.88 -12.29 5.18
CA ALA D 411 -17.23 -11.10 5.72
C ALA D 411 -16.65 -11.35 7.10
N PHE D 412 -17.49 -11.73 8.06
CA PHE D 412 -17.00 -11.89 9.43
C PHE D 412 -15.97 -13.00 9.54
N LEU D 413 -15.98 -13.96 8.62
CA LEU D 413 -14.95 -14.99 8.57
C LEU D 413 -14.01 -14.79 7.38
N ASP D 414 -14.07 -13.62 6.75
CA ASP D 414 -13.01 -13.22 5.83
C ASP D 414 -11.80 -12.78 6.64
N GLU D 415 -10.62 -13.13 6.14
CA GLU D 415 -9.38 -12.74 6.83
C GLU D 415 -9.15 -11.24 6.72
N ASN D 416 -9.40 -10.67 5.54
CA ASN D 416 -9.23 -9.23 5.38
C ASN D 416 -10.16 -8.45 6.30
N PHE D 417 -11.41 -8.91 6.42
CA PHE D 417 -12.38 -8.20 7.25
C PHE D 417 -12.03 -8.27 8.73
N LYS D 418 -11.47 -9.40 9.18
CA LYS D 418 -11.18 -9.53 10.60
C LYS D 418 -10.24 -8.44 11.06
N ARG D 419 -9.25 -8.08 10.24
CA ARG D 419 -8.35 -7.00 10.59
C ARG D 419 -9.11 -5.68 10.72
N CYS D 420 -9.85 -5.32 9.67
CA CYS D 420 -10.54 -4.03 9.67
C CYS D 420 -11.75 -4.04 10.58
N PHE D 421 -12.43 -5.18 10.70
CA PHE D 421 -13.56 -5.26 11.61
C PHE D 421 -13.11 -5.09 13.06
N ARG D 422 -11.89 -5.52 13.39
CA ARG D 422 -11.39 -5.33 14.73
C ARG D 422 -11.32 -3.86 15.13
N GLU D 423 -11.29 -2.96 14.14
CA GLU D 423 -11.32 -1.52 14.43
C GLU D 423 -12.72 -1.02 14.75
N PHE D 424 -13.76 -1.78 14.39
CA PHE D 424 -15.13 -1.30 14.54
C PHE D 424 -15.43 -0.98 16.00
N CYS D 425 -16.03 0.20 16.22
CA CYS D 425 -16.38 0.68 17.55
C CYS D 425 -17.89 0.57 17.75
N ILE D 426 -18.28 0.07 18.92
CA ILE D 426 -19.70 -0.06 19.24
C ILE D 426 -19.89 -0.04 20.75
#